data_2J74
#
_entry.id   2J74
#
_cell.length_a   50.430
_cell.length_b   80.250
_cell.length_c   104.500
_cell.angle_alpha   90.00
_cell.angle_beta   99.50
_cell.angle_gamma   90.00
#
_symmetry.space_group_name_H-M   'P 1 21 1'
#
loop_
_entity.id
_entity.type
_entity.pdbx_description
1 polymer YVFO
2 branched beta-D-galactopyranose-(1-4)-beta-D-galactopyranose-(1-4)-beta-D-galactopyranose
3 branched beta-D-galactopyranose-(1-4)-beta-D-galactopyranose
4 non-polymer 'CALCIUM ION'
5 water water
#
_entity_poly.entity_id   1
_entity_poly.type   'polypeptide(L)'
_entity_poly.pdbx_seq_one_letter_code
;AHRDSGTAKSGLYVEKVSGLRKDFIKGVDVSSIIALEESGVAFYNESGKKQDIFKTLKEAGVNYVRVRIWNDPYDANGNG
YGGGNNDLEKAIQIGKRATANGMKLLADFHYSDFWADPAKQKAPKAWANLNFEDKKTALYQYTKQSLKAMKAAGIDIGMV
QVGNETNGGLAGETDWAKMSQLFNAGSQAVRETDSNILVALHFTNPETSGRYAWIAETLHRHHVDYDVFASSYYPFWHGT
LKNLTSVLTSVADTYGKKVMVAETSYTYTAEDGDGHGNTAPKNGQTLNNPVTVQGQANAVRDVIQAVSDVGEAGIGVFYW
EPAWIPVGPAHRLEKNKALWETYGSGWATSYAAEYDPEDAGKWFGGSAVDNQALFDFKGRPLPSLHVFQYVDTGTPFKN
;
_entity_poly.pdbx_strand_id   A,B
#
loop_
_chem_comp.id
_chem_comp.type
_chem_comp.name
_chem_comp.formula
CA non-polymer 'CALCIUM ION' 'Ca 2'
GAL D-saccharide, beta linking beta-D-galactopyranose 'C6 H12 O6'
#
# COMPACT_ATOMS: atom_id res chain seq x y z
N GLY A 11 -12.64 4.66 6.82
CA GLY A 11 -13.27 4.34 8.15
C GLY A 11 -12.33 3.77 9.20
N LEU A 12 -11.50 2.80 8.81
CA LEU A 12 -10.58 2.15 9.74
C LEU A 12 -9.63 3.07 10.51
N TYR A 13 -9.25 2.63 11.70
CA TYR A 13 -8.37 3.36 12.59
C TYR A 13 -7.32 2.46 13.25
N VAL A 14 -6.05 2.75 13.00
CA VAL A 14 -5.00 1.96 13.61
C VAL A 14 -4.06 2.90 14.34
N GLU A 15 -3.83 2.65 15.62
CA GLU A 15 -2.93 3.49 16.38
C GLU A 15 -1.51 2.98 16.17
N LYS A 16 -0.64 3.84 15.68
CA LYS A 16 0.75 3.47 15.43
C LYS A 16 1.38 2.65 16.55
N VAL A 17 2.00 1.54 16.18
CA VAL A 17 2.68 0.68 17.14
C VAL A 17 4.00 1.35 17.45
N SER A 18 4.16 1.76 18.71
CA SER A 18 5.38 2.45 19.12
C SER A 18 6.59 1.55 19.28
N GLY A 19 7.66 1.90 18.58
CA GLY A 19 8.90 1.15 18.66
C GLY A 19 8.99 0.00 17.69
N LEU A 20 8.00 -0.14 16.81
CA LEU A 20 8.00 -1.22 15.84
C LEU A 20 9.23 -1.11 14.94
N ARG A 21 10.01 -2.18 14.87
CA ARG A 21 11.19 -2.19 14.02
C ARG A 21 10.78 -2.24 12.54
N LYS A 22 11.55 -1.59 11.68
CA LYS A 22 11.24 -1.55 10.25
C LYS A 22 11.27 -2.88 9.52
N ASP A 23 11.95 -3.88 10.07
CA ASP A 23 12.03 -5.17 9.42
C ASP A 23 11.13 -6.23 10.08
N PHE A 24 10.23 -5.76 10.95
CA PHE A 24 9.32 -6.65 11.65
C PHE A 24 8.58 -7.53 10.64
N ILE A 25 8.47 -8.81 10.95
CA ILE A 25 7.80 -9.74 10.07
C ILE A 25 6.28 -9.61 10.15
N LYS A 26 5.64 -9.50 8.99
CA LYS A 26 4.19 -9.38 8.92
C LYS A 26 3.74 -10.52 8.02
N GLY A 27 3.34 -11.63 8.62
CA GLY A 27 2.95 -12.77 7.84
C GLY A 27 1.53 -13.23 7.95
N VAL A 28 1.17 -14.12 7.04
CA VAL A 28 -0.15 -14.69 6.99
C VAL A 28 0.03 -16.15 6.62
N ASP A 29 -0.87 -17.00 7.10
CA ASP A 29 -0.85 -18.43 6.78
C ASP A 29 -2.12 -18.63 5.99
N VAL A 30 -1.97 -18.88 4.69
CA VAL A 30 -3.14 -19.08 3.82
C VAL A 30 -3.08 -20.47 3.21
N SER A 31 -2.71 -21.45 4.01
CA SER A 31 -2.57 -22.83 3.55
C SER A 31 -3.82 -23.36 2.85
N SER A 32 -4.99 -22.94 3.29
CA SER A 32 -6.24 -23.40 2.69
C SER A 32 -6.49 -22.84 1.29
N ILE A 33 -5.72 -21.83 0.88
CA ILE A 33 -5.92 -21.21 -0.43
C ILE A 33 -6.03 -22.15 -1.64
N ILE A 34 -5.24 -23.21 -1.70
CA ILE A 34 -5.31 -24.09 -2.86
C ILE A 34 -6.65 -24.80 -2.95
N ALA A 35 -7.03 -25.49 -1.88
CA ALA A 35 -8.30 -26.20 -1.85
C ALA A 35 -9.48 -25.27 -2.14
N LEU A 36 -9.43 -24.06 -1.61
CA LEU A 36 -10.51 -23.10 -1.80
C LEU A 36 -10.64 -22.66 -3.26
N GLU A 37 -9.51 -22.49 -3.93
CA GLU A 37 -9.56 -22.08 -5.32
C GLU A 37 -10.07 -23.22 -6.20
N GLU A 38 -9.88 -24.46 -5.77
CA GLU A 38 -10.37 -25.58 -6.54
C GLU A 38 -11.86 -25.76 -6.26
N SER A 39 -12.30 -25.18 -5.16
CA SER A 39 -13.71 -25.29 -4.79
C SER A 39 -14.49 -24.20 -5.51
N GLY A 40 -13.76 -23.32 -6.21
CA GLY A 40 -14.41 -22.25 -6.95
C GLY A 40 -14.41 -20.90 -6.27
N VAL A 41 -13.77 -20.81 -5.11
CA VAL A 41 -13.71 -19.55 -4.38
C VAL A 41 -12.80 -18.58 -5.10
N ALA A 42 -13.17 -17.30 -5.11
CA ALA A 42 -12.37 -16.28 -5.75
C ALA A 42 -12.10 -15.10 -4.81
N PHE A 43 -10.97 -14.44 -5.01
CA PHE A 43 -10.61 -13.29 -4.19
C PHE A 43 -10.45 -12.04 -5.04
N TYR A 44 -10.84 -10.90 -4.48
CA TYR A 44 -10.76 -9.65 -5.20
C TYR A 44 -9.85 -8.67 -4.47
N ASN A 45 -9.83 -7.42 -4.95
CA ASN A 45 -9.00 -6.39 -4.35
C ASN A 45 -9.85 -5.16 -4.05
N GLU A 46 -9.22 -4.14 -3.47
CA GLU A 46 -9.90 -2.90 -3.14
C GLU A 46 -10.88 -2.43 -4.21
N SER A 47 -10.47 -2.55 -5.48
CA SER A 47 -11.28 -2.11 -6.60
C SER A 47 -12.42 -3.06 -6.96
N GLY A 48 -12.29 -4.32 -6.56
CA GLY A 48 -13.34 -5.28 -6.85
C GLY A 48 -13.15 -6.19 -8.05
N LYS A 49 -11.91 -6.29 -8.54
CA LYS A 49 -11.61 -7.15 -9.69
C LYS A 49 -10.93 -8.41 -9.17
N LYS A 50 -11.23 -9.56 -9.75
CA LYS A 50 -10.58 -10.78 -9.30
C LYS A 50 -9.08 -10.53 -9.38
N GLN A 51 -8.36 -10.95 -8.35
CA GLN A 51 -6.91 -10.77 -8.28
C GLN A 51 -6.30 -11.85 -7.39
N ASP A 52 -5.13 -12.35 -7.79
CA ASP A 52 -4.44 -13.37 -7.01
C ASP A 52 -4.35 -12.86 -5.58
N ILE A 53 -4.76 -13.68 -4.62
CA ILE A 53 -4.73 -13.26 -3.23
C ILE A 53 -3.33 -12.90 -2.76
N PHE A 54 -2.32 -13.60 -3.30
CA PHE A 54 -0.95 -13.32 -2.92
C PHE A 54 -0.49 -11.93 -3.36
N LYS A 55 -1.14 -11.39 -4.37
CA LYS A 55 -0.79 -10.06 -4.85
C LYS A 55 -1.48 -9.04 -3.95
N THR A 56 -2.68 -9.37 -3.49
CA THR A 56 -3.47 -8.51 -2.62
C THR A 56 -2.79 -8.45 -1.24
N LEU A 57 -2.21 -9.57 -0.83
CA LEU A 57 -1.52 -9.65 0.44
C LEU A 57 -0.26 -8.78 0.40
N LYS A 58 0.46 -8.85 -0.71
CA LYS A 58 1.68 -8.08 -0.88
C LYS A 58 1.41 -6.57 -0.81
N GLU A 59 0.38 -6.12 -1.50
CA GLU A 59 0.03 -4.71 -1.50
C GLU A 59 -0.42 -4.28 -0.12
N ALA A 60 -1.00 -5.22 0.62
CA ALA A 60 -1.47 -4.93 1.96
C ALA A 60 -0.29 -4.77 2.91
N GLY A 61 0.90 -5.09 2.42
CA GLY A 61 2.09 -4.94 3.24
C GLY A 61 2.60 -6.20 3.90
N VAL A 62 1.99 -7.33 3.57
CA VAL A 62 2.40 -8.61 4.13
C VAL A 62 3.74 -8.99 3.51
N ASN A 63 4.70 -9.43 4.32
CA ASN A 63 6.00 -9.78 3.78
C ASN A 63 6.39 -11.24 4.02
N TYR A 64 5.47 -12.02 4.56
CA TYR A 64 5.77 -13.41 4.90
C TYR A 64 4.57 -14.33 4.73
N VAL A 65 4.82 -15.57 4.35
CA VAL A 65 3.75 -16.54 4.18
C VAL A 65 4.12 -17.84 4.87
N ARG A 66 3.21 -18.29 5.72
CA ARG A 66 3.38 -19.52 6.47
C ARG A 66 2.49 -20.57 5.84
N VAL A 67 2.99 -21.79 5.73
CA VAL A 67 2.19 -22.86 5.16
C VAL A 67 2.40 -24.14 5.95
N ARG A 68 1.31 -24.78 6.34
CA ARG A 68 1.38 -26.03 7.08
C ARG A 68 1.65 -27.18 6.10
N ILE A 69 2.39 -28.18 6.56
CA ILE A 69 2.72 -29.31 5.72
C ILE A 69 2.51 -30.65 6.43
N TRP A 70 1.58 -31.44 5.92
CA TRP A 70 1.29 -32.76 6.46
C TRP A 70 1.97 -33.78 5.53
N ASN A 71 2.54 -34.83 6.10
CA ASN A 71 3.22 -35.85 5.30
C ASN A 71 2.34 -36.50 4.24
N ASP A 72 1.24 -37.12 4.67
CA ASP A 72 0.32 -37.81 3.76
C ASP A 72 -1.12 -37.64 4.22
N PRO A 73 -1.72 -36.48 3.97
CA PRO A 73 -3.11 -36.21 4.37
C PRO A 73 -4.17 -36.86 3.47
N TYR A 74 -4.05 -38.16 3.25
CA TYR A 74 -5.01 -38.87 2.41
C TYR A 74 -5.17 -40.30 2.89
N ASP A 75 -6.31 -40.92 2.58
CA ASP A 75 -6.53 -42.32 2.96
C ASP A 75 -5.88 -43.18 1.87
N ALA A 76 -5.91 -44.49 2.05
CA ALA A 76 -5.28 -45.38 1.08
C ALA A 76 -5.67 -45.11 -0.37
N ASN A 77 -6.92 -44.74 -0.62
CA ASN A 77 -7.33 -44.50 -1.99
C ASN A 77 -6.96 -43.13 -2.56
N GLY A 78 -6.55 -42.22 -1.70
CA GLY A 78 -6.17 -40.90 -2.19
C GLY A 78 -7.16 -39.82 -1.84
N ASN A 79 -8.13 -40.12 -0.99
CA ASN A 79 -9.12 -39.16 -0.58
C ASN A 79 -8.52 -38.22 0.47
N GLY A 80 -8.52 -36.94 0.18
CA GLY A 80 -7.95 -35.97 1.09
C GLY A 80 -8.63 -35.90 2.44
N TYR A 81 -7.85 -35.65 3.49
CA TYR A 81 -8.37 -35.54 4.85
C TYR A 81 -9.01 -34.18 5.03
N GLY A 82 -8.78 -33.30 4.07
CA GLY A 82 -9.32 -31.96 4.14
C GLY A 82 -8.39 -30.99 4.85
N GLY A 83 -8.98 -29.98 5.48
CA GLY A 83 -8.16 -29.00 6.17
C GLY A 83 -7.20 -28.35 5.21
N GLY A 84 -7.50 -28.47 3.91
CA GLY A 84 -6.64 -27.88 2.91
C GLY A 84 -5.81 -28.92 2.20
N ASN A 85 -5.85 -30.16 2.69
CA ASN A 85 -5.07 -31.25 2.10
C ASN A 85 -3.65 -30.76 1.87
N ASN A 86 -3.09 -30.07 2.87
CA ASN A 86 -1.76 -29.50 2.75
C ASN A 86 -0.59 -30.46 2.86
N ASP A 87 -0.08 -30.86 1.71
CA ASP A 87 1.06 -31.74 1.62
C ASP A 87 2.21 -30.93 1.02
N LEU A 88 3.33 -31.57 0.75
CA LEU A 88 4.47 -30.85 0.19
C LEU A 88 4.17 -30.18 -1.15
N GLU A 89 3.40 -30.88 -1.98
CA GLU A 89 3.05 -30.39 -3.31
C GLU A 89 2.33 -29.03 -3.26
N LYS A 90 1.31 -28.92 -2.41
CA LYS A 90 0.60 -27.65 -2.28
C LYS A 90 1.50 -26.61 -1.64
N ALA A 91 2.44 -27.07 -0.80
CA ALA A 91 3.36 -26.17 -0.13
C ALA A 91 4.24 -25.50 -1.18
N ILE A 92 4.64 -26.26 -2.20
CA ILE A 92 5.48 -25.72 -3.27
C ILE A 92 4.64 -24.75 -4.10
N GLN A 93 3.40 -25.13 -4.36
CA GLN A 93 2.48 -24.28 -5.11
C GLN A 93 2.37 -22.95 -4.39
N ILE A 94 2.08 -22.99 -3.10
CA ILE A 94 1.95 -21.78 -2.28
C ILE A 94 3.27 -21.03 -2.21
N GLY A 95 4.34 -21.78 -2.01
CA GLY A 95 5.67 -21.19 -1.92
C GLY A 95 6.06 -20.38 -3.14
N LYS A 96 5.78 -20.93 -4.33
CA LYS A 96 6.09 -20.24 -5.57
C LYS A 96 5.33 -18.92 -5.69
N ARG A 97 4.03 -18.95 -5.43
CA ARG A 97 3.24 -17.74 -5.50
C ARG A 97 3.69 -16.74 -4.44
N ALA A 98 4.04 -17.23 -3.25
CA ALA A 98 4.51 -16.35 -2.18
C ALA A 98 5.80 -15.66 -2.63
N THR A 99 6.74 -16.43 -3.15
CA THR A 99 8.00 -15.87 -3.60
C THR A 99 7.83 -15.01 -4.86
N ALA A 100 6.89 -15.36 -5.72
CA ALA A 100 6.68 -14.57 -6.94
C ALA A 100 6.09 -13.21 -6.58
N ASN A 101 5.64 -13.07 -5.34
CA ASN A 101 5.07 -11.81 -4.86
C ASN A 101 5.93 -11.17 -3.79
N GLY A 102 7.22 -11.50 -3.81
CA GLY A 102 8.16 -10.93 -2.88
C GLY A 102 7.93 -11.14 -1.41
N MET A 103 7.52 -12.34 -1.04
CA MET A 103 7.28 -12.65 0.37
C MET A 103 8.04 -13.93 0.71
N LYS A 104 8.74 -13.93 1.83
CA LYS A 104 9.49 -15.12 2.23
C LYS A 104 8.51 -16.19 2.67
N LEU A 105 9.00 -17.41 2.83
CA LEU A 105 8.14 -18.51 3.26
C LEU A 105 8.52 -19.07 4.63
N LEU A 106 7.51 -19.56 5.34
CA LEU A 106 7.75 -20.20 6.64
C LEU A 106 7.13 -21.59 6.42
N ALA A 107 7.98 -22.60 6.29
CA ALA A 107 7.48 -23.95 6.10
C ALA A 107 7.13 -24.51 7.47
N ASP A 108 5.85 -24.84 7.68
CA ASP A 108 5.41 -25.37 8.96
C ASP A 108 5.17 -26.88 8.89
N PHE A 109 6.16 -27.64 9.35
CA PHE A 109 6.08 -29.10 9.35
C PHE A 109 5.35 -29.63 10.57
N HIS A 110 4.23 -30.30 10.33
CA HIS A 110 3.47 -30.86 11.43
C HIS A 110 4.02 -32.21 11.80
N TYR A 111 4.69 -32.85 10.85
CA TYR A 111 5.26 -34.17 11.05
C TYR A 111 4.16 -35.11 11.49
N SER A 112 3.08 -35.07 10.71
CA SER A 112 1.89 -35.87 10.95
C SER A 112 1.12 -35.81 9.65
N ASP A 113 0.16 -36.71 9.47
CA ASP A 113 -0.63 -36.70 8.25
C ASP A 113 -1.79 -35.73 8.36
N PHE A 114 -2.04 -35.22 9.55
CA PHE A 114 -3.13 -34.27 9.74
C PHE A 114 -2.84 -33.29 10.86
N TRP A 115 -3.82 -32.46 11.18
CA TRP A 115 -3.67 -31.46 12.24
C TRP A 115 -2.85 -31.90 13.44
N ALA A 116 -1.88 -31.08 13.81
CA ALA A 116 -1.04 -31.35 14.96
C ALA A 116 -1.21 -30.20 15.94
N ASP A 117 -1.71 -30.50 17.14
CA ASP A 117 -1.88 -29.47 18.16
C ASP A 117 -1.61 -30.05 19.55
N PRO A 118 -1.93 -29.31 20.63
CA PRO A 118 -1.68 -29.84 21.97
C PRO A 118 -2.24 -31.23 22.23
N ALA A 119 -3.36 -31.55 21.61
CA ALA A 119 -3.98 -32.87 21.78
C ALA A 119 -3.62 -33.87 20.69
N LYS A 120 -3.27 -33.37 19.51
CA LYS A 120 -2.94 -34.26 18.41
C LYS A 120 -1.53 -34.09 17.86
N GLN A 121 -0.77 -35.18 17.90
CA GLN A 121 0.61 -35.24 17.42
C GLN A 121 0.82 -36.68 16.96
N LYS A 122 -0.15 -37.20 16.19
CA LYS A 122 -0.11 -38.57 15.69
C LYS A 122 1.02 -38.71 14.67
N ALA A 123 1.75 -39.82 14.75
CA ALA A 123 2.84 -40.06 13.81
C ALA A 123 2.25 -40.28 12.43
N PRO A 124 3.01 -39.93 11.37
CA PRO A 124 2.52 -40.11 10.00
C PRO A 124 2.30 -41.60 9.76
N LYS A 125 1.31 -41.95 8.93
CA LYS A 125 1.01 -43.35 8.64
C LYS A 125 2.25 -44.15 8.26
N ALA A 126 3.16 -43.53 7.51
CA ALA A 126 4.38 -44.24 7.09
C ALA A 126 5.34 -44.50 8.23
N TRP A 127 5.28 -43.68 9.28
CA TRP A 127 6.18 -43.85 10.41
C TRP A 127 5.48 -44.65 11.52
N ALA A 128 4.19 -44.91 11.29
CA ALA A 128 3.35 -45.64 12.24
C ALA A 128 4.11 -46.64 13.09
N ASN A 129 4.82 -47.57 12.47
CA ASN A 129 5.57 -48.55 13.25
C ASN A 129 7.03 -48.68 12.87
N LEU A 130 7.79 -47.63 13.17
CA LEU A 130 9.21 -47.58 12.92
C LEU A 130 9.80 -47.41 14.30
N ASN A 131 10.93 -48.06 14.58
CA ASN A 131 11.53 -47.90 15.89
C ASN A 131 11.95 -46.42 15.95
N PHE A 132 12.15 -45.91 17.16
CA PHE A 132 12.52 -44.51 17.32
C PHE A 132 13.68 -44.04 16.47
N GLU A 133 14.71 -44.87 16.36
CA GLU A 133 15.88 -44.51 15.56
C GLU A 133 15.53 -44.26 14.11
N ASP A 134 14.70 -45.13 13.54
CA ASP A 134 14.30 -44.99 12.14
C ASP A 134 13.36 -43.82 11.92
N LYS A 135 12.47 -43.57 12.88
CA LYS A 135 11.54 -42.45 12.77
C LYS A 135 12.34 -41.15 12.74
N LYS A 136 13.34 -41.05 13.60
CA LYS A 136 14.19 -39.87 13.67
C LYS A 136 14.85 -39.67 12.31
N THR A 137 15.30 -40.76 11.71
CA THR A 137 15.94 -40.69 10.41
C THR A 137 14.93 -40.29 9.34
N ALA A 138 13.74 -40.87 9.41
CA ALA A 138 12.70 -40.55 8.46
C ALA A 138 12.34 -39.07 8.56
N LEU A 139 12.24 -38.57 9.80
CA LEU A 139 11.88 -37.17 10.01
C LEU A 139 12.94 -36.26 9.39
N TYR A 140 14.20 -36.59 9.60
CA TYR A 140 15.29 -35.82 9.03
C TYR A 140 15.18 -35.90 7.51
N GLN A 141 15.25 -37.12 6.96
CA GLN A 141 15.15 -37.31 5.53
C GLN A 141 14.02 -36.52 4.94
N TYR A 142 12.84 -36.65 5.55
CA TYR A 142 11.66 -35.95 5.07
C TYR A 142 11.87 -34.45 5.01
N THR A 143 12.34 -33.87 6.11
CA THR A 143 12.59 -32.44 6.17
C THR A 143 13.60 -32.07 5.11
N LYS A 144 14.69 -32.84 5.05
CA LYS A 144 15.76 -32.63 4.09
C LYS A 144 15.24 -32.61 2.65
N GLN A 145 14.52 -33.66 2.26
CA GLN A 145 13.96 -33.78 0.91
C GLN A 145 12.97 -32.67 0.57
N SER A 146 12.06 -32.38 1.50
CA SER A 146 11.07 -31.35 1.29
C SER A 146 11.72 -29.99 1.03
N LEU A 147 12.64 -29.60 1.90
CA LEU A 147 13.31 -28.32 1.73
C LEU A 147 14.01 -28.26 0.38
N LYS A 148 14.68 -29.35 0.01
CA LYS A 148 15.39 -29.39 -1.26
C LYS A 148 14.45 -29.21 -2.43
N ALA A 149 13.31 -29.88 -2.40
CA ALA A 149 12.33 -29.74 -3.49
C ALA A 149 11.88 -28.28 -3.58
N MET A 150 11.74 -27.63 -2.42
CA MET A 150 11.32 -26.25 -2.40
C MET A 150 12.38 -25.34 -3.03
N LYS A 151 13.63 -25.57 -2.67
CA LYS A 151 14.71 -24.78 -3.21
C LYS A 151 14.73 -24.98 -4.72
N ALA A 152 14.53 -26.22 -5.15
CA ALA A 152 14.53 -26.51 -6.58
C ALA A 152 13.48 -25.67 -7.29
N ALA A 153 12.33 -25.45 -6.63
CA ALA A 153 11.26 -24.65 -7.22
C ALA A 153 11.57 -23.15 -7.19
N GLY A 154 12.73 -22.81 -6.65
CA GLY A 154 13.13 -21.43 -6.58
C GLY A 154 12.45 -20.64 -5.49
N ILE A 155 11.83 -21.34 -4.53
CA ILE A 155 11.13 -20.68 -3.44
C ILE A 155 12.08 -20.06 -2.43
N ASP A 156 11.79 -18.84 -1.99
CA ASP A 156 12.63 -18.16 -1.02
C ASP A 156 12.20 -18.52 0.40
N ILE A 157 12.88 -19.51 0.98
CA ILE A 157 12.56 -19.99 2.32
C ILE A 157 13.26 -19.17 3.40
N GLY A 158 12.49 -18.47 4.23
CA GLY A 158 13.11 -17.68 5.27
C GLY A 158 13.13 -18.34 6.62
N MET A 159 12.17 -19.23 6.88
CA MET A 159 12.09 -19.89 8.17
C MET A 159 11.43 -21.26 8.05
N VAL A 160 11.78 -22.16 8.97
CA VAL A 160 11.21 -23.50 9.00
C VAL A 160 10.78 -23.80 10.42
N GLN A 161 9.57 -24.33 10.55
CA GLN A 161 9.01 -24.65 11.84
C GLN A 161 9.11 -26.15 11.99
N VAL A 162 9.87 -26.60 12.99
CA VAL A 162 10.05 -28.03 13.25
C VAL A 162 9.00 -28.44 14.26
N GLY A 163 7.80 -28.73 13.77
CA GLY A 163 6.71 -29.12 14.64
C GLY A 163 5.73 -27.96 14.75
N ASN A 164 4.50 -28.27 15.16
CA ASN A 164 3.44 -27.27 15.33
C ASN A 164 2.71 -27.46 16.66
N GLU A 165 2.89 -26.50 17.57
CA GLU A 165 2.25 -26.57 18.89
C GLU A 165 2.55 -27.92 19.57
N THR A 166 3.83 -28.22 19.65
CA THR A 166 4.31 -29.45 20.26
C THR A 166 4.43 -29.28 21.78
N ASN A 167 3.32 -28.97 22.44
CA ASN A 167 3.30 -28.81 23.88
C ASN A 167 3.44 -30.12 24.60
N GLY A 168 2.92 -31.20 24.00
CA GLY A 168 2.98 -32.49 24.65
C GLY A 168 3.46 -33.67 23.83
N GLY A 169 3.90 -33.42 22.60
CA GLY A 169 4.37 -34.51 21.78
C GLY A 169 4.75 -34.09 20.38
N LEU A 170 5.31 -35.04 19.64
CA LEU A 170 5.72 -34.82 18.28
C LEU A 170 5.90 -36.17 17.60
N ALA A 171 5.21 -36.34 16.47
CA ALA A 171 5.29 -37.57 15.68
C ALA A 171 5.08 -38.86 16.48
N GLY A 172 4.07 -38.87 17.33
CA GLY A 172 3.78 -40.06 18.11
C GLY A 172 4.63 -40.19 19.35
N GLU A 173 5.58 -39.28 19.52
CA GLU A 173 6.47 -39.29 20.68
C GLU A 173 5.96 -38.32 21.74
N THR A 174 6.04 -38.70 23.01
CA THR A 174 5.57 -37.84 24.10
C THR A 174 6.65 -37.58 25.14
N ASP A 175 7.76 -38.30 25.03
CA ASP A 175 8.84 -38.12 25.97
C ASP A 175 9.71 -36.97 25.50
N TRP A 176 9.84 -35.93 26.31
CA TRP A 176 10.63 -34.78 25.93
C TRP A 176 12.06 -35.09 25.49
N ALA A 177 12.66 -36.13 26.07
CA ALA A 177 14.03 -36.51 25.71
C ALA A 177 14.03 -36.94 24.24
N LYS A 178 13.00 -37.69 23.84
CA LYS A 178 12.90 -38.14 22.46
C LYS A 178 12.43 -37.01 21.54
N MET A 179 11.53 -36.16 22.04
CA MET A 179 11.03 -35.04 21.25
C MET A 179 12.19 -34.14 20.88
N SER A 180 13.05 -33.87 21.85
CA SER A 180 14.22 -33.02 21.62
C SER A 180 15.09 -33.58 20.51
N GLN A 181 15.27 -34.90 20.48
CA GLN A 181 16.07 -35.50 19.44
C GLN A 181 15.39 -35.34 18.09
N LEU A 182 14.06 -35.31 18.09
CA LEU A 182 13.32 -35.12 16.85
C LEU A 182 13.46 -33.66 16.43
N PHE A 183 13.44 -32.76 17.42
CA PHE A 183 13.61 -31.34 17.11
C PHE A 183 14.96 -31.15 16.44
N ASN A 184 16.01 -31.76 17.01
CA ASN A 184 17.33 -31.63 16.44
C ASN A 184 17.43 -32.30 15.08
N ALA A 185 16.70 -33.39 14.89
CA ALA A 185 16.74 -34.09 13.61
C ALA A 185 16.23 -33.14 12.54
N GLY A 186 15.08 -32.52 12.79
CA GLY A 186 14.54 -31.59 11.83
C GLY A 186 15.44 -30.37 11.66
N SER A 187 15.93 -29.84 12.78
CA SER A 187 16.80 -28.68 12.77
C SER A 187 17.99 -28.97 11.87
N GLN A 188 18.54 -30.17 12.06
CA GLN A 188 19.68 -30.66 11.32
C GLN A 188 19.51 -30.52 9.83
N ALA A 189 18.32 -30.87 9.36
CA ALA A 189 17.99 -30.81 7.94
C ALA A 189 18.01 -29.36 7.47
N VAL A 190 17.39 -28.48 8.24
CA VAL A 190 17.33 -27.07 7.89
C VAL A 190 18.74 -26.52 7.80
N ARG A 191 19.53 -26.79 8.84
CA ARG A 191 20.92 -26.35 8.94
C ARG A 191 21.74 -26.75 7.73
N GLU A 192 21.52 -27.97 7.26
CA GLU A 192 22.26 -28.47 6.11
C GLU A 192 21.75 -27.90 4.81
N THR A 193 20.50 -27.44 4.82
CA THR A 193 19.90 -26.88 3.62
C THR A 193 20.34 -25.44 3.38
N ASP A 194 20.35 -24.61 4.42
CA ASP A 194 20.74 -23.22 4.30
C ASP A 194 20.97 -22.60 5.68
N SER A 195 22.19 -22.16 5.94
CA SER A 195 22.54 -21.57 7.23
C SER A 195 21.68 -20.38 7.60
N ASN A 196 21.23 -19.65 6.58
CA ASN A 196 20.43 -18.46 6.80
C ASN A 196 18.98 -18.68 7.19
N ILE A 197 18.47 -19.89 6.97
CA ILE A 197 17.08 -20.19 7.32
C ILE A 197 16.96 -20.22 8.83
N LEU A 198 15.95 -19.55 9.38
CA LEU A 198 15.75 -19.57 10.83
C LEU A 198 14.97 -20.82 11.23
N VAL A 199 15.42 -21.48 12.29
CA VAL A 199 14.73 -22.68 12.78
C VAL A 199 13.85 -22.25 13.94
N ALA A 200 12.56 -22.55 13.84
CA ALA A 200 11.64 -22.16 14.88
C ALA A 200 10.92 -23.36 15.45
N LEU A 201 10.64 -23.29 16.76
CA LEU A 201 9.88 -24.31 17.48
C LEU A 201 8.60 -23.57 17.89
N HIS A 202 7.47 -24.24 17.75
CA HIS A 202 6.19 -23.62 18.02
C HIS A 202 5.42 -24.19 19.21
N PHE A 203 5.06 -23.33 20.15
CA PHE A 203 4.33 -23.77 21.33
C PHE A 203 3.09 -22.91 21.52
N THR A 204 2.20 -23.36 22.39
CA THR A 204 0.98 -22.60 22.64
C THR A 204 0.61 -22.62 24.12
N ASN A 205 -0.46 -21.90 24.43
CA ASN A 205 -0.96 -21.74 25.79
C ASN A 205 0.02 -21.00 26.68
N PRO A 206 0.36 -19.77 26.30
CA PRO A 206 1.30 -18.96 27.08
C PRO A 206 0.72 -18.55 28.42
N GLU A 207 -0.60 -18.58 28.56
CA GLU A 207 -1.23 -18.19 29.82
C GLU A 207 -0.93 -19.14 30.95
N THR A 208 -0.56 -20.36 30.59
CA THR A 208 -0.27 -21.37 31.58
C THR A 208 0.98 -21.04 32.38
N SER A 209 0.77 -20.84 33.67
CA SER A 209 1.82 -20.49 34.60
C SER A 209 3.09 -21.36 34.52
N GLY A 210 4.19 -20.74 34.10
CA GLY A 210 5.46 -21.43 34.01
C GLY A 210 5.72 -22.30 32.80
N ARG A 211 4.69 -22.59 32.00
CA ARG A 211 4.86 -23.46 30.84
C ARG A 211 6.05 -23.09 29.96
N TYR A 212 5.99 -21.94 29.30
CA TYR A 212 7.08 -21.53 28.43
C TYR A 212 8.45 -21.54 29.10
N ALA A 213 8.50 -21.15 30.37
CA ALA A 213 9.76 -21.14 31.10
C ALA A 213 10.29 -22.56 31.27
N TRP A 214 9.37 -23.51 31.44
CA TRP A 214 9.76 -24.89 31.63
C TRP A 214 10.27 -25.46 30.31
N ILE A 215 9.51 -25.22 29.24
CA ILE A 215 9.85 -25.72 27.93
C ILE A 215 11.20 -25.18 27.46
N ALA A 216 11.40 -23.88 27.64
CA ALA A 216 12.64 -23.25 27.24
C ALA A 216 13.84 -23.88 27.97
N GLU A 217 13.66 -24.14 29.27
CA GLU A 217 14.69 -24.75 30.10
C GLU A 217 14.95 -26.19 29.66
N THR A 218 13.87 -26.92 29.40
CA THR A 218 13.99 -28.30 28.95
C THR A 218 14.71 -28.32 27.58
N LEU A 219 14.26 -27.47 26.67
CA LEU A 219 14.90 -27.38 25.36
C LEU A 219 16.40 -27.13 25.54
N HIS A 220 16.74 -26.28 26.49
CA HIS A 220 18.14 -25.96 26.74
C HIS A 220 18.91 -27.16 27.27
N ARG A 221 18.34 -27.82 28.28
CA ARG A 221 18.98 -28.97 28.89
C ARG A 221 19.20 -30.13 27.94
N HIS A 222 18.37 -30.25 26.92
CA HIS A 222 18.50 -31.34 25.95
C HIS A 222 19.25 -30.90 24.69
N HIS A 223 19.93 -29.77 24.77
CA HIS A 223 20.70 -29.23 23.65
C HIS A 223 19.98 -29.13 22.30
N VAL A 224 18.77 -28.58 22.29
CA VAL A 224 18.05 -28.46 21.03
C VAL A 224 18.53 -27.21 20.34
N ASP A 225 18.94 -27.35 19.09
CA ASP A 225 19.43 -26.23 18.32
C ASP A 225 18.33 -25.49 17.54
N TYR A 226 17.86 -24.37 18.07
CA TYR A 226 16.83 -23.59 17.36
C TYR A 226 17.09 -22.10 17.53
N ASP A 227 16.44 -21.30 16.70
CA ASP A 227 16.63 -19.85 16.74
C ASP A 227 15.44 -19.08 17.29
N VAL A 228 14.25 -19.51 16.90
CA VAL A 228 13.04 -18.83 17.29
C VAL A 228 12.12 -19.63 18.19
N PHE A 229 11.70 -19.00 19.27
CA PHE A 229 10.75 -19.64 20.18
C PHE A 229 9.41 -19.04 19.73
N ALA A 230 8.63 -19.82 18.98
CA ALA A 230 7.35 -19.36 18.48
C ALA A 230 6.20 -19.74 19.37
N SER A 231 5.19 -18.87 19.44
CA SER A 231 4.02 -19.11 20.25
C SER A 231 2.75 -18.75 19.49
N SER A 232 1.66 -19.41 19.84
CA SER A 232 0.38 -19.10 19.24
C SER A 232 -0.23 -18.05 20.16
N TYR A 233 -1.11 -17.22 19.62
CA TYR A 233 -1.77 -16.25 20.48
C TYR A 233 -3.16 -15.91 20.00
N TYR A 234 -4.13 -16.61 20.56
CA TYR A 234 -5.53 -16.38 20.26
C TYR A 234 -6.09 -15.74 21.50
N PRO A 235 -6.35 -14.43 21.43
CA PRO A 235 -6.88 -13.70 22.58
C PRO A 235 -8.04 -14.35 23.34
N PHE A 236 -8.90 -15.10 22.68
CA PHE A 236 -10.02 -15.73 23.39
C PHE A 236 -9.66 -16.94 24.23
N TRP A 237 -8.38 -17.26 24.35
CA TRP A 237 -7.99 -18.40 25.17
C TRP A 237 -6.67 -18.22 25.89
N HIS A 238 -5.76 -17.48 25.27
CA HIS A 238 -4.41 -17.33 25.79
C HIS A 238 -4.02 -16.18 26.69
N GLY A 239 -4.91 -15.80 27.58
CA GLY A 239 -4.59 -14.75 28.52
C GLY A 239 -4.31 -13.38 27.94
N THR A 240 -3.73 -12.53 28.78
CA THR A 240 -3.44 -11.15 28.43
C THR A 240 -2.22 -10.94 27.53
N LEU A 241 -2.16 -9.76 26.93
CA LEU A 241 -1.04 -9.39 26.06
C LEU A 241 0.16 -9.08 26.94
N LYS A 242 -0.11 -8.62 28.15
CA LYS A 242 0.94 -8.30 29.11
C LYS A 242 1.70 -9.58 29.47
N ASN A 243 0.96 -10.67 29.66
CA ASN A 243 1.56 -11.96 29.98
C ASN A 243 2.37 -12.48 28.78
N LEU A 244 1.76 -12.41 27.60
CA LEU A 244 2.43 -12.85 26.38
C LEU A 244 3.80 -12.21 26.27
N THR A 245 3.83 -10.89 26.34
CA THR A 245 5.09 -10.15 26.24
C THR A 245 6.04 -10.58 27.35
N SER A 246 5.48 -10.84 28.52
CA SER A 246 6.27 -11.22 29.66
C SER A 246 6.95 -12.59 29.50
N VAL A 247 6.21 -13.63 29.14
CA VAL A 247 6.81 -14.95 28.99
C VAL A 247 7.75 -15.04 27.78
N LEU A 248 7.45 -14.31 26.71
CA LEU A 248 8.33 -14.35 25.54
C LEU A 248 9.61 -13.58 25.80
N THR A 249 9.57 -12.61 26.71
CA THR A 249 10.77 -11.84 27.01
C THR A 249 11.72 -12.66 27.87
N SER A 250 11.13 -13.48 28.74
CA SER A 250 11.89 -14.37 29.63
C SER A 250 12.73 -15.27 28.77
N VAL A 251 12.05 -15.95 27.86
CA VAL A 251 12.70 -16.87 26.95
C VAL A 251 13.77 -16.14 26.16
N ALA A 252 13.42 -14.98 25.64
CA ALA A 252 14.39 -14.21 24.86
C ALA A 252 15.63 -13.87 25.68
N ASP A 253 15.43 -13.22 26.83
CA ASP A 253 16.56 -12.83 27.67
C ASP A 253 17.35 -13.99 28.27
N THR A 254 16.65 -14.99 28.79
CA THR A 254 17.28 -16.13 29.43
C THR A 254 17.99 -17.09 28.51
N TYR A 255 17.48 -17.25 27.30
CA TYR A 255 18.09 -18.19 26.39
C TYR A 255 18.64 -17.59 25.10
N GLY A 256 18.51 -16.27 24.98
CA GLY A 256 19.01 -15.57 23.83
C GLY A 256 18.39 -16.04 22.53
N LYS A 257 17.08 -16.27 22.56
CA LYS A 257 16.41 -16.71 21.35
C LYS A 257 15.58 -15.56 20.79
N LYS A 258 15.16 -15.71 19.54
CA LYS A 258 14.30 -14.74 18.90
C LYS A 258 12.92 -15.25 19.32
N VAL A 259 11.90 -14.39 19.30
CA VAL A 259 10.55 -14.84 19.65
C VAL A 259 9.54 -14.26 18.66
N MET A 260 8.38 -14.88 18.56
CA MET A 260 7.34 -14.40 17.67
C MET A 260 6.04 -15.12 17.92
N VAL A 261 4.99 -14.63 17.29
CA VAL A 261 3.67 -15.26 17.39
C VAL A 261 3.46 -15.93 16.02
N ALA A 262 3.36 -17.25 16.02
CA ALA A 262 3.16 -17.99 14.77
C ALA A 262 1.70 -18.06 14.32
N GLU A 263 0.78 -17.78 15.25
CA GLU A 263 -0.64 -17.83 14.92
C GLU A 263 -1.44 -16.87 15.76
N THR A 264 -2.35 -16.14 15.11
CA THR A 264 -3.22 -15.22 15.80
C THR A 264 -4.31 -14.78 14.85
N SER A 265 -5.44 -14.38 15.42
CA SER A 265 -6.58 -13.92 14.64
C SER A 265 -7.63 -13.36 15.57
N TYR A 266 -8.72 -12.88 14.99
CA TYR A 266 -9.82 -12.37 15.78
C TYR A 266 -11.03 -12.35 14.90
N THR A 267 -12.19 -12.37 15.53
CA THR A 267 -13.46 -12.38 14.83
C THR A 267 -13.88 -10.97 14.42
N TYR A 268 -14.25 -10.79 13.16
CA TYR A 268 -14.70 -9.48 12.71
C TYR A 268 -16.25 -9.47 12.66
N THR A 269 -16.84 -10.64 12.86
CA THR A 269 -18.29 -10.77 12.86
C THR A 269 -18.72 -12.05 13.54
N ALA A 270 -19.88 -12.01 14.19
CA ALA A 270 -20.36 -13.19 14.88
C ALA A 270 -21.12 -14.10 13.93
N GLU A 271 -21.31 -13.68 12.68
CA GLU A 271 -22.05 -14.53 11.75
C GLU A 271 -21.25 -15.69 11.15
N ASP A 272 -21.93 -16.81 10.96
CA ASP A 272 -21.27 -17.98 10.36
C ASP A 272 -21.59 -17.91 8.88
N GLY A 273 -20.54 -17.80 8.06
CA GLY A 273 -20.73 -17.68 6.63
C GLY A 273 -20.87 -18.90 5.74
N ASP A 274 -20.54 -20.08 6.24
CA ASP A 274 -20.66 -21.26 5.39
C ASP A 274 -21.57 -22.36 5.91
N GLY A 275 -22.12 -22.18 7.11
CA GLY A 275 -23.01 -23.20 7.64
C GLY A 275 -22.36 -24.16 8.63
N HIS A 276 -21.03 -24.06 8.76
CA HIS A 276 -20.32 -24.91 9.70
C HIS A 276 -19.95 -24.08 10.93
N GLY A 277 -20.53 -24.41 12.08
CA GLY A 277 -20.25 -23.67 13.30
C GLY A 277 -18.81 -23.18 13.40
N ASN A 278 -18.63 -21.94 13.80
CA ASN A 278 -17.28 -21.39 13.91
C ASN A 278 -16.64 -21.57 15.28
N THR A 279 -15.32 -21.39 15.34
CA THR A 279 -14.55 -21.53 16.57
C THR A 279 -14.86 -20.41 17.56
N ALA A 280 -15.06 -19.20 17.06
CA ALA A 280 -15.37 -18.06 17.91
C ALA A 280 -16.30 -17.12 17.15
N PRO A 281 -17.02 -16.24 17.85
CA PRO A 281 -17.01 -16.03 19.30
C PRO A 281 -17.95 -17.00 20.01
N LYS A 282 -17.63 -17.34 21.25
CA LYS A 282 -18.45 -18.25 22.04
C LYS A 282 -18.50 -17.81 23.48
N ASN A 283 -19.51 -18.31 24.20
CA ASN A 283 -19.68 -18.01 25.62
C ASN A 283 -18.46 -18.54 26.35
N GLY A 284 -17.93 -17.75 27.26
CA GLY A 284 -16.76 -18.19 27.99
C GLY A 284 -15.44 -17.77 27.40
N GLN A 285 -15.46 -17.22 26.19
CA GLN A 285 -14.24 -16.78 25.55
C GLN A 285 -14.02 -15.31 25.89
N THR A 286 -12.76 -14.93 26.11
CA THR A 286 -12.41 -13.56 26.43
C THR A 286 -12.41 -12.75 25.14
N LEU A 287 -13.28 -11.74 25.08
CA LEU A 287 -13.36 -10.91 23.90
C LEU A 287 -13.17 -9.44 24.29
N ASN A 288 -11.91 -9.03 24.42
CA ASN A 288 -11.58 -7.67 24.81
C ASN A 288 -11.79 -6.62 23.73
N ASN A 289 -12.13 -7.07 22.53
CA ASN A 289 -12.38 -6.13 21.45
C ASN A 289 -13.73 -6.42 20.86
N PRO A 290 -14.43 -5.38 20.39
CA PRO A 290 -15.75 -5.65 19.81
C PRO A 290 -15.62 -6.54 18.58
N VAL A 291 -16.58 -7.43 18.41
CA VAL A 291 -16.58 -8.34 17.27
C VAL A 291 -17.03 -7.57 16.03
N THR A 292 -16.10 -6.82 15.47
CA THR A 292 -16.33 -6.01 14.28
C THR A 292 -15.01 -5.90 13.53
N VAL A 293 -15.03 -5.22 12.39
CA VAL A 293 -13.81 -5.04 11.62
C VAL A 293 -12.77 -4.23 12.40
N GLN A 294 -13.21 -3.14 13.03
CA GLN A 294 -12.31 -2.31 13.82
C GLN A 294 -11.78 -3.11 14.99
N GLY A 295 -12.65 -3.88 15.62
CA GLY A 295 -12.22 -4.70 16.74
C GLY A 295 -11.12 -5.62 16.27
N GLN A 296 -11.37 -6.33 15.18
CA GLN A 296 -10.39 -7.26 14.63
C GLN A 296 -9.06 -6.54 14.39
N ALA A 297 -9.10 -5.38 13.75
CA ALA A 297 -7.88 -4.63 13.46
C ALA A 297 -7.16 -4.31 14.76
N ASN A 298 -7.92 -3.87 15.76
CA ASN A 298 -7.35 -3.55 17.05
C ASN A 298 -6.53 -4.72 17.59
N ALA A 299 -7.15 -5.90 17.58
CA ALA A 299 -6.54 -7.11 18.08
C ALA A 299 -5.20 -7.40 17.43
N VAL A 300 -5.18 -7.41 16.10
CA VAL A 300 -3.95 -7.68 15.38
C VAL A 300 -2.90 -6.62 15.73
N ARG A 301 -3.33 -5.36 15.74
CA ARG A 301 -2.44 -4.26 16.06
C ARG A 301 -1.81 -4.46 17.43
N ASP A 302 -2.61 -4.91 18.41
CA ASP A 302 -2.10 -5.12 19.75
C ASP A 302 -1.16 -6.31 19.90
N VAL A 303 -1.32 -7.35 19.08
CA VAL A 303 -0.42 -8.51 19.18
C VAL A 303 0.95 -8.04 18.70
N ILE A 304 0.94 -7.33 17.57
CA ILE A 304 2.15 -6.78 16.98
C ILE A 304 2.86 -5.91 18.02
N GLN A 305 2.09 -5.10 18.73
CA GLN A 305 2.64 -4.24 19.77
C GLN A 305 3.27 -5.10 20.86
N ALA A 306 2.50 -6.09 21.35
CA ALA A 306 2.98 -6.98 22.39
C ALA A 306 4.28 -7.69 22.03
N VAL A 307 4.39 -8.14 20.78
CA VAL A 307 5.59 -8.84 20.35
C VAL A 307 6.73 -7.84 20.20
N SER A 308 6.41 -6.68 19.64
CA SER A 308 7.42 -5.64 19.43
C SER A 308 7.99 -5.16 20.76
N ASP A 309 7.17 -5.17 21.81
CA ASP A 309 7.60 -4.73 23.13
C ASP A 309 8.62 -5.64 23.76
N VAL A 310 8.79 -6.83 23.19
CA VAL A 310 9.78 -7.75 23.72
C VAL A 310 11.16 -7.14 23.51
N GLY A 311 11.26 -6.28 22.50
CA GLY A 311 12.54 -5.67 22.22
C GLY A 311 13.11 -6.26 20.95
N GLU A 312 14.44 -6.27 20.87
CA GLU A 312 15.13 -6.77 19.69
C GLU A 312 14.83 -8.22 19.35
N ALA A 313 14.35 -8.98 20.33
CA ALA A 313 14.05 -10.40 20.12
C ALA A 313 12.72 -10.67 19.43
N GLY A 314 11.77 -9.75 19.57
CA GLY A 314 10.47 -9.92 18.93
C GLY A 314 10.54 -9.64 17.45
N ILE A 315 10.60 -10.70 16.65
CA ILE A 315 10.74 -10.55 15.22
C ILE A 315 9.49 -10.42 14.36
N GLY A 316 8.33 -10.86 14.85
CA GLY A 316 7.14 -10.72 14.03
C GLY A 316 5.87 -11.44 14.45
N VAL A 317 4.84 -11.33 13.61
CA VAL A 317 3.55 -11.94 13.88
C VAL A 317 2.91 -12.53 12.63
N PHE A 318 2.35 -13.73 12.74
CA PHE A 318 1.67 -14.39 11.62
C PHE A 318 0.18 -14.51 11.94
N TYR A 319 -0.66 -13.94 11.08
CA TYR A 319 -2.10 -14.03 11.24
C TYR A 319 -2.49 -15.41 10.69
N TRP A 320 -3.26 -16.19 11.43
CA TRP A 320 -3.61 -17.51 10.93
C TRP A 320 -4.89 -17.59 10.11
N GLU A 321 -4.75 -18.01 8.86
CA GLU A 321 -5.88 -18.15 7.94
C GLU A 321 -6.74 -16.89 7.82
N PRO A 322 -6.22 -15.87 7.14
CA PRO A 322 -6.96 -14.61 6.95
C PRO A 322 -7.87 -14.68 5.74
N ALA A 323 -7.98 -15.85 5.13
CA ALA A 323 -8.80 -16.00 3.95
C ALA A 323 -9.47 -17.37 3.77
N TRP A 324 -9.86 -17.99 4.87
CA TRP A 324 -10.51 -19.30 4.80
C TRP A 324 -12.01 -19.03 4.76
N ILE A 325 -12.44 -18.30 3.74
CA ILE A 325 -13.83 -17.93 3.57
C ILE A 325 -14.67 -19.09 3.05
N PRO A 326 -16.01 -18.97 3.16
CA PRO A 326 -16.95 -20.00 2.72
C PRO A 326 -16.95 -20.32 1.24
N VAL A 327 -17.27 -21.58 0.91
CA VAL A 327 -17.36 -22.01 -0.48
C VAL A 327 -18.75 -21.65 -0.98
N GLY A 328 -19.64 -21.34 -0.05
CA GLY A 328 -21.00 -20.97 -0.40
C GLY A 328 -21.78 -20.51 0.82
N PRO A 329 -22.91 -19.82 0.64
CA PRO A 329 -23.75 -19.32 1.74
C PRO A 329 -24.13 -20.41 2.73
N ALA A 330 -24.40 -20.00 3.97
CA ALA A 330 -24.77 -20.93 5.01
C ALA A 330 -26.03 -21.73 4.67
N HIS A 331 -26.97 -21.11 3.96
CA HIS A 331 -28.21 -21.79 3.64
C HIS A 331 -28.04 -22.91 2.62
N ARG A 332 -26.86 -23.03 2.03
CA ARG A 332 -26.60 -24.10 1.05
C ARG A 332 -25.69 -25.15 1.67
N LEU A 333 -25.82 -25.32 2.98
CA LEU A 333 -25.02 -26.27 3.75
C LEU A 333 -24.78 -27.59 3.05
N GLU A 334 -25.85 -28.23 2.59
CA GLU A 334 -25.71 -29.52 1.92
C GLU A 334 -24.93 -29.43 0.62
N LYS A 335 -25.16 -28.38 -0.15
CA LYS A 335 -24.45 -28.22 -1.41
C LYS A 335 -22.98 -27.94 -1.08
N ASN A 336 -22.76 -27.33 0.10
CA ASN A 336 -21.41 -27.00 0.57
C ASN A 336 -20.65 -28.25 1.00
N LYS A 337 -21.32 -29.08 1.79
CA LYS A 337 -20.71 -30.31 2.28
C LYS A 337 -20.09 -31.06 1.12
N ALA A 338 -20.71 -30.93 -0.05
CA ALA A 338 -20.21 -31.61 -1.24
C ALA A 338 -18.81 -31.09 -1.58
N LEU A 339 -18.69 -29.77 -1.70
CA LEU A 339 -17.41 -29.16 -2.02
C LEU A 339 -16.34 -29.46 -0.97
N TRP A 340 -16.70 -29.38 0.31
CA TRP A 340 -15.74 -29.65 1.38
C TRP A 340 -15.21 -31.06 1.24
N GLU A 341 -16.11 -32.00 0.97
CA GLU A 341 -15.77 -33.39 0.86
C GLU A 341 -14.93 -33.71 -0.37
N THR A 342 -15.22 -33.04 -1.47
CA THR A 342 -14.50 -33.27 -2.72
C THR A 342 -13.13 -32.59 -2.78
N TYR A 343 -13.06 -31.31 -2.45
CA TYR A 343 -11.81 -30.59 -2.53
C TYR A 343 -11.08 -30.38 -1.21
N GLY A 344 -11.59 -30.96 -0.13
CA GLY A 344 -10.98 -30.78 1.17
C GLY A 344 -10.83 -29.31 1.55
N SER A 345 -11.80 -28.49 1.15
CA SER A 345 -11.75 -27.06 1.44
C SER A 345 -12.36 -26.68 2.77
N GLY A 346 -12.71 -27.68 3.57
CA GLY A 346 -13.28 -27.44 4.88
C GLY A 346 -12.15 -27.76 5.83
N TRP A 347 -12.37 -27.74 7.14
CA TRP A 347 -11.28 -28.02 8.07
C TRP A 347 -10.94 -29.51 8.08
N ALA A 348 -11.86 -30.34 7.63
CA ALA A 348 -11.63 -31.77 7.58
C ALA A 348 -12.74 -32.46 6.79
N THR A 349 -12.44 -33.64 6.24
CA THR A 349 -13.43 -34.40 5.49
C THR A 349 -13.69 -35.70 6.21
N SER A 350 -14.84 -36.32 5.94
CA SER A 350 -15.19 -37.58 6.58
C SER A 350 -14.06 -38.58 6.40
N TYR A 351 -13.35 -38.47 5.29
CA TYR A 351 -12.24 -39.36 4.97
C TYR A 351 -11.14 -39.38 6.03
N ALA A 352 -11.10 -38.37 6.89
CA ALA A 352 -10.08 -38.30 7.93
C ALA A 352 -10.43 -39.09 9.18
N ALA A 353 -11.65 -39.62 9.23
CA ALA A 353 -12.11 -40.40 10.39
C ALA A 353 -11.17 -41.55 10.73
N GLU A 354 -10.59 -42.17 9.71
CA GLU A 354 -9.67 -43.28 9.89
C GLU A 354 -8.43 -42.86 10.68
N TYR A 355 -7.91 -41.68 10.37
CA TYR A 355 -6.71 -41.18 11.02
C TYR A 355 -6.97 -40.52 12.37
N ASP A 356 -8.10 -39.83 12.47
CA ASP A 356 -8.48 -39.15 13.70
C ASP A 356 -9.98 -39.31 13.92
N PRO A 357 -10.39 -40.48 14.41
CA PRO A 357 -11.80 -40.80 14.67
C PRO A 357 -12.39 -39.96 15.80
N GLU A 358 -11.57 -39.67 16.80
CA GLU A 358 -12.00 -38.90 17.95
C GLU A 358 -12.48 -37.48 17.68
N ASP A 359 -11.70 -36.72 16.92
CA ASP A 359 -12.04 -35.33 16.63
C ASP A 359 -12.63 -35.15 15.24
N ALA A 360 -11.77 -35.17 14.22
CA ALA A 360 -12.22 -35.00 12.85
C ALA A 360 -13.38 -35.94 12.57
N GLY A 361 -13.24 -37.17 13.09
CA GLY A 361 -14.25 -38.19 12.88
C GLY A 361 -15.69 -37.73 13.09
N LYS A 362 -15.93 -36.90 14.10
CA LYS A 362 -17.27 -36.45 14.38
C LYS A 362 -17.49 -34.95 14.34
N TRP A 363 -16.65 -34.23 13.60
CA TRP A 363 -16.79 -32.79 13.47
C TRP A 363 -16.44 -32.31 12.09
N PHE A 364 -16.08 -33.23 11.20
CA PHE A 364 -15.69 -32.85 9.85
C PHE A 364 -16.72 -31.95 9.16
N GLY A 365 -16.23 -31.09 8.28
CA GLY A 365 -17.11 -30.18 7.58
C GLY A 365 -16.38 -29.05 6.88
N GLY A 366 -16.93 -27.84 7.00
CA GLY A 366 -16.31 -26.69 6.35
C GLY A 366 -15.38 -25.83 7.19
N SER A 367 -15.40 -24.53 6.92
CA SER A 367 -14.56 -23.59 7.65
C SER A 367 -15.11 -23.25 9.02
N ALA A 368 -14.22 -23.25 10.01
CA ALA A 368 -14.61 -22.94 11.37
C ALA A 368 -14.08 -21.57 11.73
N VAL A 369 -13.52 -20.87 10.75
CA VAL A 369 -12.94 -19.56 11.00
C VAL A 369 -13.21 -18.49 9.94
N ASP A 370 -14.22 -18.71 9.11
CA ASP A 370 -14.54 -17.71 8.08
C ASP A 370 -14.83 -16.34 8.68
N ASN A 371 -15.32 -16.30 9.91
CA ASN A 371 -15.65 -15.03 10.54
C ASN A 371 -14.41 -14.35 11.12
N GLN A 372 -13.24 -14.94 10.86
CA GLN A 372 -11.98 -14.37 11.36
C GLN A 372 -11.06 -14.02 10.21
N ALA A 373 -11.60 -13.98 9.00
CA ALA A 373 -10.79 -13.63 7.84
C ALA A 373 -10.63 -12.12 7.72
N LEU A 374 -9.73 -11.69 6.83
CA LEU A 374 -9.53 -10.28 6.60
C LEU A 374 -10.18 -10.00 5.25
N PHE A 375 -11.02 -10.93 4.83
CA PHE A 375 -11.78 -10.81 3.58
C PHE A 375 -13.22 -11.18 3.96
N ASP A 376 -14.21 -10.59 3.28
CA ASP A 376 -15.59 -10.91 3.58
C ASP A 376 -15.95 -12.27 3.00
N PHE A 377 -17.16 -12.73 3.26
CA PHE A 377 -17.57 -14.03 2.77
C PHE A 377 -17.53 -14.14 1.26
N LYS A 378 -17.55 -13.00 0.57
CA LYS A 378 -17.54 -13.01 -0.89
C LYS A 378 -16.17 -12.79 -1.52
N GLY A 379 -15.13 -12.78 -0.70
CA GLY A 379 -13.79 -12.61 -1.24
C GLY A 379 -13.22 -11.21 -1.31
N ARG A 380 -13.98 -10.22 -0.85
CA ARG A 380 -13.48 -8.84 -0.88
C ARG A 380 -12.68 -8.56 0.38
N PRO A 381 -11.58 -7.81 0.25
CA PRO A 381 -10.77 -7.51 1.44
C PRO A 381 -11.44 -6.52 2.39
N LEU A 382 -11.43 -6.84 3.68
CA LEU A 382 -12.02 -5.98 4.69
C LEU A 382 -11.03 -4.87 4.96
N PRO A 383 -11.50 -3.71 5.42
CA PRO A 383 -10.57 -2.62 5.69
C PRO A 383 -9.51 -2.99 6.72
N SER A 384 -9.82 -3.95 7.58
CA SER A 384 -8.87 -4.37 8.60
C SER A 384 -7.59 -4.94 7.99
N LEU A 385 -7.66 -5.37 6.73
CA LEU A 385 -6.49 -5.91 6.08
C LEU A 385 -5.35 -4.89 6.06
N HIS A 386 -5.68 -3.61 6.15
CA HIS A 386 -4.62 -2.62 6.10
C HIS A 386 -3.89 -2.37 7.40
N VAL A 387 -4.24 -3.15 8.42
CA VAL A 387 -3.57 -3.01 9.69
C VAL A 387 -2.06 -3.23 9.46
N PHE A 388 -1.70 -4.19 8.61
CA PHE A 388 -0.28 -4.48 8.36
C PHE A 388 0.53 -3.26 7.94
N GLN A 389 -0.10 -2.37 7.22
CA GLN A 389 0.56 -1.17 6.76
C GLN A 389 0.56 -0.12 7.85
N TYR A 390 -0.64 0.19 8.33
CA TYR A 390 -0.85 1.20 9.35
C TYR A 390 -0.10 1.08 10.68
N VAL A 391 0.30 -0.12 11.09
CA VAL A 391 1.00 -0.22 12.36
C VAL A 391 2.30 0.60 12.33
N ASP A 392 2.85 0.79 11.14
CA ASP A 392 4.09 1.55 11.01
C ASP A 392 3.86 3.05 11.21
N THR A 393 2.79 3.58 10.62
CA THR A 393 2.49 5.00 10.69
C THR A 393 1.26 5.34 11.50
N GLY A 394 0.26 4.50 11.42
CA GLY A 394 -0.98 4.74 12.12
C GLY A 394 -1.90 5.36 11.07
N THR A 395 -3.18 5.50 11.39
CA THR A 395 -4.13 6.11 10.48
C THR A 395 -3.93 7.62 10.63
N PRO A 396 -4.10 8.40 9.54
CA PRO A 396 -3.88 9.81 9.83
C PRO A 396 -4.94 10.35 10.81
N PHE A 397 -5.52 9.51 11.55
N GLY B 11 14.22 10.14 -31.44
CA GLY B 11 15.19 11.10 -32.06
C GLY B 11 14.83 12.54 -31.71
N LEU B 12 14.98 12.88 -30.43
CA LEU B 12 14.66 14.21 -29.92
C LEU B 12 15.83 15.17 -29.96
N TYR B 13 15.57 16.42 -30.33
CA TYR B 13 16.61 17.44 -30.34
C TYR B 13 16.29 18.46 -29.26
N VAL B 14 17.31 18.93 -28.58
CA VAL B 14 17.12 19.93 -27.55
C VAL B 14 18.35 20.83 -27.52
N GLU B 15 18.14 22.14 -27.62
CA GLU B 15 19.27 23.06 -27.58
C GLU B 15 19.57 23.36 -26.12
N LYS B 16 20.82 23.08 -25.72
CA LYS B 16 21.24 23.32 -24.35
C LYS B 16 20.77 24.67 -23.80
N VAL B 17 20.21 24.63 -22.59
CA VAL B 17 19.74 25.83 -21.92
C VAL B 17 20.98 26.49 -21.34
N SER B 18 21.29 27.68 -21.83
CA SER B 18 22.48 28.39 -21.36
C SER B 18 22.33 29.02 -19.97
N GLY B 19 23.26 28.66 -19.09
CA GLY B 19 23.26 29.20 -17.74
C GLY B 19 22.44 28.43 -16.74
N LEU B 20 21.86 27.31 -17.18
CA LEU B 20 21.03 26.49 -16.30
C LEU B 20 21.85 26.02 -15.10
N ARG B 21 21.36 26.29 -13.90
CA ARG B 21 22.04 25.88 -12.66
C ARG B 21 21.91 24.37 -12.49
N LYS B 22 22.96 23.74 -11.97
CA LYS B 22 22.98 22.31 -11.78
C LYS B 22 21.94 21.75 -10.82
N ASP B 23 21.40 22.58 -9.95
CA ASP B 23 20.39 22.12 -8.99
C ASP B 23 18.97 22.56 -9.36
N PHE B 24 18.80 23.06 -10.59
CA PHE B 24 17.50 23.51 -11.08
C PHE B 24 16.49 22.39 -10.87
N ILE B 25 15.32 22.72 -10.34
CA ILE B 25 14.34 21.68 -10.12
C ILE B 25 13.57 21.36 -11.40
N LYS B 26 13.46 20.07 -11.67
CA LYS B 26 12.76 19.54 -12.83
C LYS B 26 11.65 18.63 -12.30
N GLY B 27 10.45 19.19 -12.22
CA GLY B 27 9.36 18.42 -11.67
C GLY B 27 8.22 18.11 -12.61
N VAL B 28 7.36 17.22 -12.13
CA VAL B 28 6.18 16.80 -12.85
C VAL B 28 5.08 16.64 -11.82
N ASP B 29 3.84 16.88 -12.24
CA ASP B 29 2.69 16.73 -11.38
C ASP B 29 1.93 15.58 -12.02
N VAL B 30 1.91 14.43 -11.34
CA VAL B 30 1.22 13.27 -11.88
C VAL B 30 0.14 12.82 -10.93
N SER B 31 -0.56 13.80 -10.35
CA SER B 31 -1.63 13.53 -9.39
C SER B 31 -2.68 12.52 -9.88
N SER B 32 -2.95 12.50 -11.17
CA SER B 32 -3.94 11.59 -11.71
C SER B 32 -3.48 10.14 -11.77
N ILE B 33 -2.20 9.90 -11.55
CA ILE B 33 -1.65 8.54 -11.62
C ILE B 33 -2.38 7.46 -10.84
N ILE B 34 -2.83 7.76 -9.62
CA ILE B 34 -3.51 6.74 -8.83
C ILE B 34 -4.81 6.28 -9.49
N ALA B 35 -5.70 7.22 -9.76
CA ALA B 35 -6.97 6.92 -10.41
C ALA B 35 -6.77 6.19 -11.73
N LEU B 36 -5.76 6.60 -12.50
CA LEU B 36 -5.50 5.97 -13.79
C LEU B 36 -5.05 4.53 -13.68
N GLU B 37 -4.27 4.22 -12.65
CA GLU B 37 -3.81 2.86 -12.48
C GLU B 37 -4.95 1.97 -12.00
N GLU B 38 -5.95 2.55 -11.33
CA GLU B 38 -7.08 1.76 -10.88
C GLU B 38 -8.03 1.56 -12.04
N SER B 39 -7.88 2.41 -13.05
CA SER B 39 -8.73 2.33 -14.23
C SER B 39 -8.16 1.28 -15.18
N GLY B 40 -6.97 0.78 -14.85
CA GLY B 40 -6.34 -0.23 -15.67
C GLY B 40 -5.26 0.28 -16.62
N VAL B 41 -4.96 1.57 -16.53
CA VAL B 41 -3.94 2.16 -17.38
C VAL B 41 -2.57 1.69 -16.94
N ALA B 42 -1.68 1.46 -17.90
CA ALA B 42 -0.33 1.01 -17.60
C ALA B 42 0.72 1.87 -18.31
N PHE B 43 1.89 1.99 -17.69
CA PHE B 43 2.99 2.78 -18.26
C PHE B 43 4.20 1.90 -18.52
N TYR B 44 4.92 2.20 -19.58
CA TYR B 44 6.08 1.43 -19.95
C TYR B 44 7.31 2.32 -19.98
N ASN B 45 8.41 1.76 -20.46
CA ASN B 45 9.67 2.51 -20.53
C ASN B 45 10.24 2.39 -21.95
N GLU B 46 11.38 3.03 -22.17
CA GLU B 46 12.04 3.03 -23.48
C GLU B 46 12.03 1.64 -24.15
N SER B 47 12.27 0.61 -23.35
CA SER B 47 12.32 -0.75 -23.86
C SER B 47 10.96 -1.37 -24.15
N GLY B 48 9.92 -0.84 -23.52
CA GLY B 48 8.59 -1.36 -23.75
C GLY B 48 8.04 -2.35 -22.73
N LYS B 49 8.64 -2.40 -21.54
CA LYS B 49 8.17 -3.30 -20.49
C LYS B 49 7.41 -2.47 -19.47
N LYS B 50 6.33 -3.01 -18.92
CA LYS B 50 5.60 -2.26 -17.92
C LYS B 50 6.62 -1.87 -16.83
N GLN B 51 6.53 -0.64 -16.36
CA GLN B 51 7.43 -0.14 -15.34
C GLN B 51 6.77 1.00 -14.57
N ASP B 52 6.98 1.04 -13.26
CA ASP B 52 6.40 2.09 -12.43
C ASP B 52 6.75 3.42 -13.10
N ILE B 53 5.75 4.27 -13.30
CA ILE B 53 5.99 5.55 -13.94
C ILE B 53 6.99 6.40 -13.16
N PHE B 54 6.97 6.27 -11.83
CA PHE B 54 7.88 7.06 -11.02
C PHE B 54 9.33 6.68 -11.23
N LYS B 55 9.56 5.46 -11.72
CA LYS B 55 10.90 5.01 -11.99
C LYS B 55 11.34 5.54 -13.35
N THR B 56 10.38 5.61 -14.26
CA THR B 56 10.63 6.10 -15.61
C THR B 56 10.91 7.60 -15.55
N LEU B 57 10.21 8.28 -14.65
CA LEU B 57 10.37 9.70 -14.46
C LEU B 57 11.77 9.97 -13.93
N LYS B 58 12.19 9.18 -12.94
CA LYS B 58 13.50 9.33 -12.33
C LYS B 58 14.64 9.18 -13.35
N GLU B 59 14.55 8.16 -14.18
CA GLU B 59 15.55 7.92 -15.20
C GLU B 59 15.54 9.05 -16.22
N ALA B 60 14.37 9.64 -16.42
CA ALA B 60 14.24 10.73 -17.37
C ALA B 60 14.92 11.98 -16.82
N GLY B 61 15.34 11.92 -15.56
CA GLY B 61 16.02 13.06 -14.96
C GLY B 61 15.14 13.96 -14.12
N VAL B 62 13.89 13.57 -13.91
CA VAL B 62 12.96 14.35 -13.09
C VAL B 62 13.39 14.22 -11.63
N ASN B 63 13.46 15.33 -10.92
CA ASN B 63 13.88 15.29 -9.52
C ASN B 63 12.83 15.80 -8.53
N TYR B 64 11.63 16.08 -9.02
CA TYR B 64 10.58 16.61 -8.16
C TYR B 64 9.19 16.14 -8.59
N VAL B 65 8.30 15.99 -7.61
CA VAL B 65 6.94 15.56 -7.90
C VAL B 65 5.98 16.47 -7.15
N ARG B 66 5.03 17.02 -7.91
CA ARG B 66 4.00 17.90 -7.36
C ARG B 66 2.69 17.11 -7.32
N VAL B 67 1.93 17.29 -6.26
CA VAL B 67 0.66 16.58 -6.13
C VAL B 67 -0.39 17.50 -5.54
N ARG B 68 -1.53 17.59 -6.21
CA ARG B 68 -2.62 18.43 -5.72
C ARG B 68 -3.34 17.69 -4.61
N ILE B 69 -3.85 18.47 -3.64
CA ILE B 69 -4.56 17.89 -2.51
C ILE B 69 -5.86 18.61 -2.20
N TRP B 70 -6.98 17.90 -2.36
CA TRP B 70 -8.30 18.44 -2.07
C TRP B 70 -8.69 17.88 -0.70
N ASN B 71 -9.34 18.70 0.11
CA ASN B 71 -9.78 18.27 1.44
C ASN B 71 -10.68 17.03 1.41
N ASP B 72 -11.83 17.15 0.74
CA ASP B 72 -12.79 16.05 0.67
C ASP B 72 -13.47 16.01 -0.70
N PRO B 73 -12.77 15.46 -1.70
CA PRO B 73 -13.30 15.36 -3.06
C PRO B 73 -14.32 14.23 -3.26
N TYR B 74 -15.35 14.19 -2.42
CA TYR B 74 -16.38 13.16 -2.53
C TYR B 74 -17.74 13.70 -2.07
N ASP B 75 -18.82 13.09 -2.53
CA ASP B 75 -20.16 13.51 -2.12
C ASP B 75 -20.44 12.78 -0.81
N ALA B 76 -21.58 13.07 -0.20
CA ALA B 76 -21.91 12.42 1.07
C ALA B 76 -21.77 10.89 1.02
N ASN B 77 -22.09 10.32 -0.14
CA ASN B 77 -22.05 8.86 -0.37
C ASN B 77 -20.66 8.26 -0.59
N GLY B 78 -19.64 9.11 -0.69
CA GLY B 78 -18.30 8.62 -0.90
C GLY B 78 -17.92 8.53 -2.37
N ASN B 79 -18.77 9.07 -3.24
CA ASN B 79 -18.50 9.05 -4.68
C ASN B 79 -17.49 10.14 -5.02
N GLY B 80 -16.36 9.74 -5.60
CA GLY B 80 -15.33 10.71 -5.95
C GLY B 80 -15.75 11.76 -6.97
N TYR B 81 -15.24 12.98 -6.81
CA TYR B 81 -15.55 14.07 -7.72
C TYR B 81 -14.75 13.90 -9.01
N GLY B 82 -13.79 12.99 -8.97
CA GLY B 82 -12.95 12.74 -10.12
C GLY B 82 -11.72 13.62 -10.13
N GLY B 83 -11.23 13.93 -11.32
CA GLY B 83 -10.04 14.75 -11.44
C GLY B 83 -8.89 14.10 -10.70
N GLY B 84 -9.03 12.80 -10.46
CA GLY B 84 -8.01 12.06 -9.76
C GLY B 84 -8.39 11.74 -8.33
N ASN B 85 -9.47 12.34 -7.86
CA ASN B 85 -9.92 12.14 -6.48
C ASN B 85 -8.73 12.33 -5.55
N ASN B 86 -7.97 13.38 -5.80
CA ASN B 86 -6.78 13.64 -5.00
C ASN B 86 -6.99 14.22 -3.61
N ASP B 87 -6.94 13.32 -2.64
CA ASP B 87 -7.08 13.69 -1.24
C ASP B 87 -5.74 13.41 -0.57
N LEU B 88 -5.66 13.59 0.74
CA LEU B 88 -4.41 13.35 1.45
C LEU B 88 -3.86 11.92 1.28
N GLU B 89 -4.76 10.93 1.29
CA GLU B 89 -4.34 9.53 1.17
C GLU B 89 -3.59 9.25 -0.12
N LYS B 90 -4.15 9.71 -1.23
CA LYS B 90 -3.49 9.49 -2.51
C LYS B 90 -2.21 10.30 -2.54
N ALA B 91 -2.19 11.43 -1.83
CA ALA B 91 -1.01 12.28 -1.78
C ALA B 91 0.13 11.53 -1.10
N ILE B 92 -0.21 10.77 -0.07
CA ILE B 92 0.79 9.97 0.66
C ILE B 92 1.24 8.83 -0.25
N GLN B 93 0.29 8.22 -0.94
CA GLN B 93 0.59 7.15 -1.87
C GLN B 93 1.61 7.66 -2.88
N ILE B 94 1.30 8.78 -3.51
CA ILE B 94 2.18 9.38 -4.50
C ILE B 94 3.49 9.82 -3.88
N GLY B 95 3.41 10.43 -2.70
CA GLY B 95 4.60 10.89 -2.02
C GLY B 95 5.59 9.79 -1.74
N LYS B 96 5.09 8.63 -1.30
CA LYS B 96 5.95 7.50 -1.00
C LYS B 96 6.69 7.03 -2.25
N ARG B 97 5.96 6.87 -3.34
CA ARG B 97 6.58 6.42 -4.59
C ARG B 97 7.56 7.46 -5.11
N ALA B 98 7.22 8.74 -4.92
CA ALA B 98 8.11 9.81 -5.36
C ALA B 98 9.39 9.73 -4.55
N THR B 99 9.24 9.59 -3.23
CA THR B 99 10.39 9.51 -2.35
C THR B 99 11.20 8.25 -2.60
N ALA B 100 10.51 7.14 -2.83
CA ALA B 100 11.19 5.88 -3.07
C ALA B 100 12.02 5.90 -4.34
N ASN B 101 11.77 6.90 -5.18
CA ASN B 101 12.50 7.04 -6.44
C ASN B 101 13.39 8.27 -6.45
N GLY B 102 13.78 8.69 -5.26
CA GLY B 102 14.68 9.83 -5.11
C GLY B 102 14.23 11.16 -5.66
N MET B 103 12.96 11.49 -5.45
CA MET B 103 12.44 12.76 -5.93
C MET B 103 11.73 13.43 -4.77
N LYS B 104 11.98 14.73 -4.57
CA LYS B 104 11.33 15.46 -3.50
C LYS B 104 9.86 15.67 -3.85
N LEU B 105 9.07 16.08 -2.88
CA LEU B 105 7.66 16.30 -3.10
C LEU B 105 7.25 17.77 -2.95
N LEU B 106 6.23 18.16 -3.70
CA LEU B 106 5.68 19.51 -3.61
C LEU B 106 4.22 19.24 -3.29
N ALA B 107 3.82 19.48 -2.06
CA ALA B 107 2.43 19.27 -1.67
C ALA B 107 1.63 20.50 -2.11
N ASP B 108 0.67 20.31 -3.01
CA ASP B 108 -0.13 21.42 -3.50
C ASP B 108 -1.51 21.44 -2.87
N PHE B 109 -1.69 22.26 -1.85
CA PHE B 109 -2.96 22.36 -1.14
C PHE B 109 -3.91 23.33 -1.83
N HIS B 110 -5.04 22.81 -2.31
CA HIS B 110 -6.02 23.65 -2.95
C HIS B 110 -6.90 24.31 -1.90
N TYR B 111 -7.01 23.68 -0.73
CA TYR B 111 -7.84 24.18 0.35
C TYR B 111 -9.26 24.31 -0.18
N SER B 112 -9.71 23.23 -0.81
CA SER B 112 -11.03 23.14 -1.40
C SER B 112 -11.27 21.64 -1.64
N ASP B 113 -12.52 21.25 -1.87
CA ASP B 113 -12.80 19.85 -2.10
C ASP B 113 -12.61 19.49 -3.56
N PHE B 114 -12.38 20.49 -4.40
CA PHE B 114 -12.18 20.22 -5.83
C PHE B 114 -11.32 21.30 -6.47
N TRP B 115 -11.17 21.22 -7.79
CA TRP B 115 -10.35 22.17 -8.52
C TRP B 115 -10.40 23.59 -8.03
N ALA B 116 -9.23 24.19 -7.82
CA ALA B 116 -9.12 25.57 -7.38
C ALA B 116 -8.33 26.34 -8.43
N ASP B 117 -8.95 27.33 -9.05
CA ASP B 117 -8.29 28.14 -10.05
C ASP B 117 -8.77 29.59 -9.97
N PRO B 118 -8.42 30.43 -10.96
CA PRO B 118 -8.86 31.83 -10.91
C PRO B 118 -10.36 32.03 -10.68
N ALA B 119 -11.16 31.12 -11.21
CA ALA B 119 -12.62 31.21 -11.07
C ALA B 119 -13.18 30.37 -9.92
N LYS B 120 -12.45 29.32 -9.51
CA LYS B 120 -12.93 28.46 -8.44
C LYS B 120 -12.00 28.39 -7.24
N GLN B 121 -12.52 28.80 -6.08
CA GLN B 121 -11.80 28.78 -4.82
C GLN B 121 -12.86 28.54 -3.74
N LYS B 122 -13.73 27.57 -4.00
CA LYS B 122 -14.81 27.22 -3.08
C LYS B 122 -14.27 26.64 -1.79
N ALA B 123 -14.82 27.05 -0.67
CA ALA B 123 -14.36 26.54 0.62
C ALA B 123 -14.73 25.07 0.72
N PRO B 124 -13.94 24.28 1.45
CA PRO B 124 -14.21 22.86 1.61
C PRO B 124 -15.57 22.68 2.29
N LYS B 125 -16.28 21.61 1.97
CA LYS B 125 -17.59 21.39 2.55
C LYS B 125 -17.60 21.49 4.07
N ALA B 126 -16.52 21.03 4.71
CA ALA B 126 -16.45 21.08 6.17
C ALA B 126 -16.28 22.50 6.70
N TRP B 127 -15.71 23.38 5.90
CA TRP B 127 -15.50 24.75 6.34
C TRP B 127 -16.64 25.64 5.84
N ALA B 128 -17.53 25.05 5.05
CA ALA B 128 -18.66 25.75 4.46
C ALA B 128 -19.20 26.90 5.30
N ASN B 129 -19.55 26.62 6.55
CA ASN B 129 -20.07 27.68 7.40
C ASN B 129 -19.37 27.80 8.75
N LEU B 130 -18.11 28.23 8.69
CA LEU B 130 -17.30 28.45 9.88
C LEU B 130 -16.98 29.93 9.80
N ASN B 131 -16.98 30.61 10.95
CA ASN B 131 -16.65 32.03 10.91
C ASN B 131 -15.19 32.09 10.46
N PHE B 132 -14.77 33.23 9.94
CA PHE B 132 -13.41 33.37 9.45
C PHE B 132 -12.32 32.89 10.40
N GLU B 133 -12.47 33.20 11.69
CA GLU B 133 -11.48 32.80 12.67
C GLU B 133 -11.30 31.30 12.75
N ASP B 134 -12.42 30.58 12.73
CA ASP B 134 -12.38 29.13 12.79
C ASP B 134 -11.86 28.51 11.49
N LYS B 135 -12.21 29.10 10.36
CA LYS B 135 -11.74 28.60 9.07
C LYS B 135 -10.22 28.69 9.03
N LYS B 136 -9.69 29.82 9.51
CA LYS B 136 -8.24 30.05 9.53
C LYS B 136 -7.59 28.97 10.37
N THR B 137 -8.21 28.65 11.49
CA THR B 137 -7.71 27.61 12.38
C THR B 137 -7.78 26.25 11.72
N ALA B 138 -8.91 25.99 11.06
CA ALA B 138 -9.09 24.72 10.38
C ALA B 138 -8.02 24.56 9.29
N LEU B 139 -7.80 25.64 8.53
CA LEU B 139 -6.81 25.60 7.46
C LEU B 139 -5.44 25.26 8.02
N TYR B 140 -5.09 25.92 9.12
CA TYR B 140 -3.81 25.66 9.75
C TYR B 140 -3.78 24.19 10.19
N GLN B 141 -4.72 23.82 11.06
CA GLN B 141 -4.79 22.45 11.56
C GLN B 141 -4.66 21.45 10.43
N TYR B 142 -5.44 21.65 9.37
CA TYR B 142 -5.42 20.77 8.23
C TYR B 142 -4.04 20.63 7.63
N THR B 143 -3.41 21.78 7.36
CA THR B 143 -2.08 21.78 6.77
C THR B 143 -1.11 21.07 7.71
N LYS B 144 -1.22 21.42 8.99
CA LYS B 144 -0.38 20.85 10.04
C LYS B 144 -0.49 19.33 10.08
N GLN B 145 -1.72 18.83 10.21
CA GLN B 145 -1.99 17.39 10.27
C GLN B 145 -1.46 16.67 9.02
N SER B 146 -1.87 17.17 7.85
CA SER B 146 -1.48 16.58 6.57
C SER B 146 0.04 16.42 6.45
N LEU B 147 0.76 17.50 6.68
CA LEU B 147 2.21 17.45 6.59
C LEU B 147 2.77 16.39 7.55
N LYS B 148 2.24 16.35 8.77
CA LYS B 148 2.69 15.37 9.76
C LYS B 148 2.46 13.95 9.30
N ALA B 149 1.28 13.66 8.75
CA ALA B 149 1.01 12.32 8.26
C ALA B 149 2.01 11.97 7.16
N MET B 150 2.37 12.95 6.33
CA MET B 150 3.33 12.71 5.26
C MET B 150 4.69 12.38 5.83
N LYS B 151 5.12 13.15 6.82
CA LYS B 151 6.41 12.91 7.45
C LYS B 151 6.39 11.50 8.04
N ALA B 152 5.28 11.15 8.68
CA ALA B 152 5.16 9.83 9.27
C ALA B 152 5.40 8.75 8.23
N ALA B 153 4.93 8.97 7.01
CA ALA B 153 5.10 7.99 5.94
C ALA B 153 6.53 8.00 5.38
N GLY B 154 7.38 8.83 5.96
CA GLY B 154 8.76 8.90 5.51
C GLY B 154 8.96 9.63 4.19
N ILE B 155 7.96 10.41 3.78
CA ILE B 155 8.04 11.15 2.52
C ILE B 155 8.95 12.35 2.63
N ASP B 156 9.80 12.55 1.62
CA ASP B 156 10.72 13.67 1.62
C ASP B 156 10.06 14.91 1.01
N ILE B 157 9.52 15.78 1.87
CA ILE B 157 8.83 17.00 1.44
C ILE B 157 9.77 18.16 1.22
N GLY B 158 9.88 18.61 -0.02
CA GLY B 158 10.77 19.71 -0.30
C GLY B 158 10.08 21.06 -0.35
N MET B 159 8.81 21.06 -0.74
CA MET B 159 8.09 22.31 -0.87
C MET B 159 6.61 22.12 -0.63
N VAL B 160 5.94 23.18 -0.17
CA VAL B 160 4.50 23.16 0.07
C VAL B 160 3.88 24.41 -0.56
N GLN B 161 2.79 24.18 -1.28
CA GLN B 161 2.10 25.24 -1.95
C GLN B 161 0.87 25.57 -1.12
N VAL B 162 0.79 26.81 -0.63
CA VAL B 162 -0.34 27.24 0.17
C VAL B 162 -1.34 27.88 -0.77
N GLY B 163 -2.17 27.06 -1.39
CA GLY B 163 -3.14 27.57 -2.33
C GLY B 163 -2.70 27.26 -3.74
N ASN B 164 -3.65 27.28 -4.69
CA ASN B 164 -3.37 26.98 -6.09
C ASN B 164 -4.04 28.02 -6.98
N GLU B 165 -3.24 28.83 -7.66
CA GLU B 165 -3.74 29.88 -8.54
C GLU B 165 -4.80 30.75 -7.82
N THR B 166 -4.38 31.28 -6.68
CA THR B 166 -5.23 32.11 -5.86
C THR B 166 -5.18 33.57 -6.33
N ASN B 167 -5.54 33.80 -7.58
CA ASN B 167 -5.55 35.15 -8.13
C ASN B 167 -6.67 35.99 -7.55
N GLY B 168 -7.78 35.37 -7.22
CA GLY B 168 -8.91 36.11 -6.70
C GLY B 168 -9.58 35.57 -5.45
N GLY B 169 -9.01 34.55 -4.84
CA GLY B 169 -9.62 34.04 -3.64
C GLY B 169 -8.95 32.81 -3.10
N LEU B 170 -9.38 32.39 -1.92
CA LEU B 170 -8.85 31.20 -1.28
C LEU B 170 -9.84 30.73 -0.22
N ALA B 171 -10.25 29.47 -0.32
CA ALA B 171 -11.16 28.86 0.63
C ALA B 171 -12.42 29.66 0.89
N GLY B 172 -13.06 30.12 -0.18
CA GLY B 172 -14.28 30.89 -0.03
C GLY B 172 -14.07 32.35 0.31
N GLU B 173 -12.82 32.74 0.54
CA GLU B 173 -12.48 34.13 0.88
C GLU B 173 -12.02 34.86 -0.38
N THR B 174 -12.43 36.13 -0.52
CA THR B 174 -12.04 36.92 -1.69
C THR B 174 -11.36 38.23 -1.31
N ASP B 175 -11.38 38.54 -0.02
CA ASP B 175 -10.75 39.76 0.43
C ASP B 175 -9.27 39.48 0.68
N TRP B 176 -8.41 40.20 -0.01
CA TRP B 176 -6.97 39.99 0.13
C TRP B 176 -6.43 40.08 1.54
N ALA B 177 -7.06 40.90 2.37
CA ALA B 177 -6.63 41.03 3.75
C ALA B 177 -6.87 39.69 4.46
N LYS B 178 -8.00 39.04 4.14
CA LYS B 178 -8.30 37.75 4.75
C LYS B 178 -7.51 36.64 4.09
N MET B 179 -7.31 36.73 2.78
CA MET B 179 -6.56 35.73 2.06
C MET B 179 -5.13 35.67 2.63
N SER B 180 -4.55 36.85 2.87
CA SER B 180 -3.21 36.92 3.41
C SER B 180 -3.10 36.20 4.74
N GLN B 181 -4.11 36.36 5.58
CA GLN B 181 -4.09 35.69 6.87
C GLN B 181 -4.19 34.18 6.68
N LEU B 182 -4.88 33.75 5.61
CA LEU B 182 -4.97 32.32 5.34
C LEU B 182 -3.63 31.85 4.82
N PHE B 183 -2.97 32.67 4.01
CA PHE B 183 -1.66 32.30 3.49
C PHE B 183 -0.71 32.10 4.67
N ASN B 184 -0.74 33.02 5.62
CA ASN B 184 0.11 32.89 6.79
C ASN B 184 -0.28 31.72 7.66
N ALA B 185 -1.56 31.41 7.71
CA ALA B 185 -2.01 30.29 8.52
C ALA B 185 -1.36 29.03 7.95
N GLY B 186 -1.44 28.87 6.65
CA GLY B 186 -0.85 27.69 6.03
C GLY B 186 0.65 27.70 6.15
N SER B 187 1.23 28.86 5.94
CA SER B 187 2.67 29.04 6.02
C SER B 187 3.18 28.60 7.38
N GLN B 188 2.56 29.12 8.43
CA GLN B 188 2.97 28.75 9.77
C GLN B 188 3.01 27.23 9.96
N ALA B 189 1.98 26.52 9.49
CA ALA B 189 1.96 25.06 9.61
C ALA B 189 3.24 24.46 9.02
N VAL B 190 3.59 24.92 7.81
CA VAL B 190 4.77 24.43 7.14
C VAL B 190 5.99 24.75 7.98
N ARG B 191 6.09 26.00 8.38
CA ARG B 191 7.21 26.48 9.19
C ARG B 191 7.41 25.64 10.46
N GLU B 192 6.30 25.28 11.12
CA GLU B 192 6.36 24.48 12.34
C GLU B 192 6.71 23.04 12.06
N THR B 193 6.41 22.59 10.84
CA THR B 193 6.69 21.22 10.45
C THR B 193 8.17 21.00 10.11
N ASP B 194 8.75 21.90 9.33
CA ASP B 194 10.15 21.79 8.95
C ASP B 194 10.64 23.10 8.37
N SER B 195 11.63 23.70 9.03
CA SER B 195 12.20 24.96 8.58
C SER B 195 12.74 24.91 7.15
N ASN B 196 13.23 23.75 6.75
CA ASN B 196 13.80 23.59 5.42
C ASN B 196 12.81 23.49 4.26
N ILE B 197 11.54 23.26 4.57
CA ILE B 197 10.52 23.16 3.53
C ILE B 197 10.29 24.56 2.97
N LEU B 198 10.28 24.69 1.65
CA LEU B 198 10.03 25.99 1.02
C LEU B 198 8.52 26.24 0.93
N VAL B 199 8.09 27.44 1.29
CA VAL B 199 6.68 27.78 1.21
C VAL B 199 6.46 28.55 -0.08
N ALA B 200 5.55 28.08 -0.91
CA ALA B 200 5.27 28.72 -2.17
C ALA B 200 3.83 29.15 -2.31
N LEU B 201 3.63 30.29 -2.97
CA LEU B 201 2.31 30.82 -3.25
C LEU B 201 2.21 30.73 -4.78
N HIS B 202 1.06 30.26 -5.27
CA HIS B 202 0.89 30.06 -6.71
C HIS B 202 -0.09 31.01 -7.37
N PHE B 203 0.34 31.67 -8.44
CA PHE B 203 -0.52 32.59 -9.16
C PHE B 203 -0.47 32.29 -10.66
N THR B 204 -1.38 32.88 -11.41
CA THR B 204 -1.42 32.65 -12.83
C THR B 204 -1.75 33.92 -13.60
N ASN B 205 -1.73 33.80 -14.92
CA ASN B 205 -2.00 34.91 -15.83
C ASN B 205 -0.95 36.00 -15.72
N PRO B 206 0.32 35.65 -15.99
CA PRO B 206 1.43 36.60 -15.92
C PRO B 206 1.35 37.63 -17.03
N GLU B 207 0.60 37.34 -18.09
CA GLU B 207 0.49 38.29 -19.20
C GLU B 207 -0.29 39.54 -18.82
N THR B 208 -1.10 39.43 -17.78
CA THR B 208 -1.90 40.56 -17.33
C THR B 208 -1.03 41.69 -16.77
N SER B 209 -1.08 42.82 -17.47
CA SER B 209 -0.31 44.00 -17.11
C SER B 209 -0.38 44.40 -15.64
N GLY B 210 0.77 44.31 -14.96
CA GLY B 210 0.86 44.68 -13.57
C GLY B 210 0.37 43.70 -12.53
N ARG B 211 -0.35 42.66 -12.93
CA ARG B 211 -0.87 41.71 -11.97
C ARG B 211 0.14 41.22 -10.93
N TYR B 212 1.14 40.48 -11.37
CA TYR B 212 2.14 39.96 -10.44
C TYR B 212 2.78 41.03 -9.57
N ALA B 213 2.99 42.21 -10.15
CA ALA B 213 3.59 43.31 -9.40
C ALA B 213 2.67 43.77 -8.29
N TRP B 214 1.37 43.75 -8.56
CA TRP B 214 0.40 44.17 -7.58
C TRP B 214 0.30 43.14 -6.46
N ILE B 215 0.20 41.86 -6.85
CA ILE B 215 0.09 40.77 -5.89
C ILE B 215 1.31 40.73 -4.97
N ALA B 216 2.50 40.83 -5.55
CA ALA B 216 3.72 40.80 -4.77
C ALA B 216 3.72 41.94 -3.74
N GLU B 217 3.29 43.11 -4.17
CA GLU B 217 3.23 44.29 -3.31
C GLU B 217 2.19 44.11 -2.20
N THR B 218 1.03 43.55 -2.57
CA THR B 218 -0.03 43.30 -1.60
C THR B 218 0.46 42.27 -0.59
N LEU B 219 1.03 41.18 -1.09
CA LEU B 219 1.55 40.14 -0.22
C LEU B 219 2.53 40.77 0.77
N HIS B 220 3.30 41.74 0.30
CA HIS B 220 4.27 42.40 1.16
C HIS B 220 3.64 43.27 2.23
N ARG B 221 2.71 44.14 1.87
CA ARG B 221 2.14 44.98 2.90
C ARG B 221 1.24 44.24 3.90
N HIS B 222 0.83 43.00 3.58
CA HIS B 222 0.03 42.23 4.53
C HIS B 222 0.95 41.23 5.23
N HIS B 223 2.24 41.47 5.05
CA HIS B 223 3.30 40.65 5.62
C HIS B 223 3.06 39.14 5.61
N VAL B 224 2.91 38.60 4.41
CA VAL B 224 2.72 37.18 4.22
C VAL B 224 4.10 36.56 4.16
N ASP B 225 4.33 35.54 4.97
CA ASP B 225 5.62 34.87 5.01
C ASP B 225 5.72 33.70 4.01
N TYR B 226 6.38 33.93 2.89
CA TYR B 226 6.55 32.87 1.89
C TYR B 226 7.93 32.97 1.25
N ASP B 227 8.37 31.91 0.60
CA ASP B 227 9.69 31.90 -0.03
C ASP B 227 9.66 31.93 -1.54
N VAL B 228 8.71 31.21 -2.12
CA VAL B 228 8.62 31.13 -3.56
C VAL B 228 7.37 31.76 -4.17
N PHE B 229 7.57 32.58 -5.19
CA PHE B 229 6.46 33.19 -5.90
C PHE B 229 6.31 32.28 -7.13
N ALA B 230 5.31 31.40 -7.09
CA ALA B 230 5.09 30.47 -8.18
C ALA B 230 4.05 30.97 -9.17
N SER B 231 4.27 30.63 -10.44
CA SER B 231 3.37 31.05 -11.50
C SER B 231 3.08 29.90 -12.44
N SER B 232 1.91 29.94 -13.07
CA SER B 232 1.56 28.93 -14.05
C SER B 232 2.03 29.50 -15.37
N TYR B 233 2.35 28.64 -16.32
CA TYR B 233 2.73 29.14 -17.64
C TYR B 233 2.33 28.20 -18.76
N TYR B 234 1.18 28.48 -19.34
CA TYR B 234 0.67 27.72 -20.46
C TYR B 234 0.81 28.66 -21.64
N PRO B 235 1.78 28.38 -22.52
CA PRO B 235 2.01 29.23 -23.69
C PRO B 235 0.78 29.64 -24.49
N PHE B 236 -0.24 28.78 -24.58
CA PHE B 236 -1.42 29.17 -25.36
C PHE B 236 -2.34 30.18 -24.71
N TRP B 237 -1.94 30.75 -23.58
CA TRP B 237 -2.77 31.76 -22.91
C TRP B 237 -2.00 32.84 -22.18
N HIS B 238 -0.85 32.47 -21.65
CA HIS B 238 -0.07 33.39 -20.84
C HIS B 238 1.03 34.25 -21.42
N GLY B 239 0.80 34.78 -22.61
CA GLY B 239 1.78 35.66 -23.21
C GLY B 239 3.15 35.08 -23.51
N THR B 240 4.08 35.97 -23.80
CA THR B 240 5.44 35.61 -24.17
C THR B 240 6.32 35.14 -23.03
N LEU B 241 7.41 34.48 -23.39
CA LEU B 241 8.38 33.99 -22.43
C LEU B 241 9.20 35.18 -21.92
N LYS B 242 9.32 36.20 -22.77
CA LYS B 242 10.05 37.40 -22.42
C LYS B 242 9.33 38.09 -21.26
N ASN B 243 8.01 38.13 -21.35
CA ASN B 243 7.21 38.75 -20.30
C ASN B 243 7.31 37.93 -19.01
N LEU B 244 7.15 36.61 -19.13
CA LEU B 244 7.25 35.73 -17.98
C LEU B 244 8.52 36.01 -17.19
N THR B 245 9.66 35.97 -17.90
CA THR B 245 10.96 36.21 -17.26
C THR B 245 11.00 37.60 -16.65
N SER B 246 10.37 38.55 -17.34
CA SER B 246 10.34 39.92 -16.88
C SER B 246 9.57 40.09 -15.57
N VAL B 247 8.34 39.58 -15.55
CA VAL B 247 7.48 39.70 -14.39
C VAL B 247 8.02 38.93 -13.17
N LEU B 248 8.61 37.76 -13.41
CA LEU B 248 9.15 36.98 -12.30
C LEU B 248 10.44 37.57 -11.77
N THR B 249 11.17 38.30 -12.60
CA THR B 249 12.42 38.91 -12.14
C THR B 249 12.13 40.10 -11.24
N SER B 250 11.05 40.82 -11.55
CA SER B 250 10.63 41.98 -10.78
C SER B 250 10.37 41.53 -9.36
N VAL B 251 9.53 40.51 -9.23
CA VAL B 251 9.18 39.95 -7.95
C VAL B 251 10.42 39.47 -7.25
N ALA B 252 11.28 38.76 -7.97
CA ALA B 252 12.51 38.27 -7.37
C ALA B 252 13.37 39.40 -6.83
N ASP B 253 13.70 40.37 -7.69
CA ASP B 253 14.54 41.50 -7.29
C ASP B 253 13.93 42.43 -6.25
N THR B 254 12.68 42.80 -6.45
CA THR B 254 11.98 43.71 -5.55
C THR B 254 11.61 43.14 -4.19
N TYR B 255 11.30 41.85 -4.11
CA TYR B 255 10.92 41.27 -2.83
C TYR B 255 11.84 40.18 -2.31
N GLY B 256 12.91 39.93 -3.07
CA GLY B 256 13.87 38.94 -2.66
C GLY B 256 13.25 37.56 -2.49
N LYS B 257 12.41 37.16 -3.43
CA LYS B 257 11.79 35.85 -3.35
C LYS B 257 12.39 34.95 -4.42
N LYS B 258 12.14 33.65 -4.26
CA LYS B 258 12.57 32.67 -5.25
C LYS B 258 11.38 32.67 -6.20
N VAL B 259 11.58 32.26 -7.45
CA VAL B 259 10.45 32.19 -8.38
C VAL B 259 10.51 30.89 -9.16
N MET B 260 9.38 30.48 -9.72
CA MET B 260 9.32 29.25 -10.50
C MET B 260 8.00 29.15 -11.26
N VAL B 261 7.92 28.15 -12.12
CA VAL B 261 6.71 27.89 -12.85
C VAL B 261 6.17 26.59 -12.24
N ALA B 262 4.99 26.67 -11.65
CA ALA B 262 4.39 25.50 -11.01
C ALA B 262 3.59 24.62 -11.97
N GLU B 263 3.28 25.16 -13.14
CA GLU B 263 2.52 24.40 -14.14
C GLU B 263 2.82 24.85 -15.54
N THR B 264 3.00 23.88 -16.43
CA THR B 264 3.26 24.16 -17.83
C THR B 264 3.17 22.88 -18.61
N SER B 265 2.88 23.00 -19.89
CA SER B 265 2.77 21.85 -20.77
C SER B 265 2.60 22.35 -22.19
N TYR B 266 2.49 21.41 -23.12
CA TYR B 266 2.27 21.74 -24.50
C TYR B 266 1.72 20.51 -25.19
N THR B 267 1.02 20.74 -26.29
CA THR B 267 0.42 19.68 -27.06
C THR B 267 1.42 19.03 -28.00
N TYR B 268 1.50 17.70 -28.00
CA TYR B 268 2.42 17.03 -28.89
C TYR B 268 1.63 16.50 -30.10
N THR B 269 0.31 16.61 -30.02
CA THR B 269 -0.54 16.14 -31.10
C THR B 269 -1.91 16.77 -30.98
N ALA B 270 -2.55 17.00 -32.13
CA ALA B 270 -3.87 17.60 -32.11
C ALA B 270 -4.96 16.55 -31.93
N GLU B 271 -4.59 15.27 -31.92
CA GLU B 271 -5.59 14.23 -31.76
C GLU B 271 -6.09 14.03 -30.33
N ASP B 272 -7.39 13.75 -30.19
CA ASP B 272 -7.96 13.50 -28.87
C ASP B 272 -7.92 11.98 -28.69
N GLY B 273 -7.21 11.54 -27.66
CA GLY B 273 -7.06 10.12 -27.40
C GLY B 273 -8.09 9.36 -26.61
N ASP B 274 -8.95 10.04 -25.84
CA ASP B 274 -9.95 9.32 -25.05
C ASP B 274 -11.41 9.64 -25.37
N GLY B 275 -11.64 10.57 -26.29
CA GLY B 275 -13.01 10.89 -26.64
C GLY B 275 -13.59 12.10 -25.95
N HIS B 276 -12.84 12.66 -25.00
CA HIS B 276 -13.29 13.85 -24.29
C HIS B 276 -12.49 15.03 -24.82
N GLY B 277 -13.18 15.96 -25.48
CA GLY B 277 -12.52 17.12 -26.04
C GLY B 277 -11.37 17.63 -25.19
N ASN B 278 -10.25 17.95 -25.82
CA ASN B 278 -9.09 18.44 -25.09
C ASN B 278 -9.05 19.96 -24.92
N THR B 279 -8.20 20.41 -24.00
CA THR B 279 -8.03 21.82 -23.70
C THR B 279 -7.36 22.57 -24.86
N ALA B 280 -6.38 21.92 -25.47
CA ALA B 280 -5.64 22.52 -26.59
C ALA B 280 -5.31 21.40 -27.57
N PRO B 281 -4.98 21.75 -28.82
CA PRO B 281 -4.95 23.09 -29.38
C PRO B 281 -6.32 23.56 -29.84
N LYS B 282 -6.56 24.86 -29.79
CA LYS B 282 -7.84 25.42 -30.23
C LYS B 282 -7.64 26.73 -30.97
N ASN B 283 -8.66 27.13 -31.74
CA ASN B 283 -8.62 28.37 -32.49
C ASN B 283 -8.50 29.50 -31.49
N GLY B 284 -7.63 30.46 -31.78
CA GLY B 284 -7.47 31.58 -30.87
C GLY B 284 -6.35 31.40 -29.85
N GLN B 285 -5.78 30.20 -29.78
CA GLN B 285 -4.71 29.95 -28.84
C GLN B 285 -3.39 30.23 -29.53
N THR B 286 -2.43 30.77 -28.79
CA THR B 286 -1.13 31.07 -29.34
C THR B 286 -0.30 29.79 -29.35
N LEU B 287 0.10 29.35 -30.53
CA LEU B 287 0.88 28.13 -30.67
C LEU B 287 2.18 28.42 -31.42
N ASN B 288 3.17 28.93 -30.70
CA ASN B 288 4.45 29.27 -31.28
C ASN B 288 5.32 28.09 -31.65
N ASN B 289 4.90 26.89 -31.27
CA ASN B 289 5.67 25.69 -31.61
C ASN B 289 4.76 24.71 -32.34
N PRO B 290 5.32 23.95 -33.27
CA PRO B 290 4.47 23.00 -33.99
C PRO B 290 3.88 22.00 -33.02
N VAL B 291 2.65 21.58 -33.28
CA VAL B 291 1.99 20.60 -32.44
C VAL B 291 2.51 19.22 -32.79
N THR B 292 3.71 18.93 -32.27
CA THR B 292 4.37 17.65 -32.50
C THR B 292 5.23 17.36 -31.28
N VAL B 293 5.89 16.22 -31.27
CA VAL B 293 6.74 15.87 -30.14
C VAL B 293 7.90 16.86 -30.01
N GLN B 294 8.54 17.20 -31.13
CA GLN B 294 9.65 18.15 -31.11
C GLN B 294 9.15 19.49 -30.62
N GLY B 295 7.98 19.89 -31.13
CA GLY B 295 7.40 21.16 -30.72
C GLY B 295 7.25 21.17 -29.21
N GLN B 296 6.61 20.13 -28.69
CA GLN B 296 6.39 20.02 -27.26
C GLN B 296 7.72 20.16 -26.51
N ALA B 297 8.74 19.41 -26.95
CA ALA B 297 10.05 19.48 -26.30
C ALA B 297 10.58 20.91 -26.32
N ASN B 298 10.44 21.57 -27.46
CA ASN B 298 10.89 22.94 -27.60
C ASN B 298 10.27 23.82 -26.51
N ALA B 299 8.95 23.73 -26.41
CA ALA B 299 8.19 24.51 -25.43
C ALA B 299 8.73 24.33 -24.00
N VAL B 300 8.84 23.09 -23.54
CA VAL B 300 9.33 22.83 -22.19
C VAL B 300 10.73 23.41 -22.04
N ARG B 301 11.58 23.14 -23.03
CA ARG B 301 12.95 23.64 -23.02
C ARG B 301 12.98 25.16 -22.86
N ASP B 302 12.10 25.86 -23.56
CA ASP B 302 12.06 27.32 -23.48
C ASP B 302 11.54 27.87 -22.16
N VAL B 303 10.66 27.14 -21.49
CA VAL B 303 10.14 27.64 -20.21
C VAL B 303 11.29 27.57 -19.21
N ILE B 304 11.99 26.45 -19.25
CA ILE B 304 13.15 26.21 -18.39
C ILE B 304 14.15 27.34 -18.60
N GLN B 305 14.38 27.70 -19.87
CA GLN B 305 15.29 28.77 -20.22
C GLN B 305 14.78 30.08 -19.61
N ALA B 306 13.51 30.39 -19.86
CA ALA B 306 12.90 31.61 -19.35
C ALA B 306 13.02 31.74 -17.83
N VAL B 307 12.80 30.65 -17.12
CA VAL B 307 12.89 30.68 -15.66
C VAL B 307 14.35 30.81 -15.23
N SER B 308 15.22 30.07 -15.90
CA SER B 308 16.64 30.10 -15.59
C SER B 308 17.22 31.50 -15.84
N ASP B 309 16.67 32.22 -16.82
CA ASP B 309 17.15 33.56 -17.12
C ASP B 309 16.86 34.57 -16.04
N VAL B 310 15.99 34.21 -15.11
CA VAL B 310 15.67 35.12 -14.01
C VAL B 310 16.91 35.31 -13.17
N GLY B 311 17.79 34.31 -13.18
CA GLY B 311 19.00 34.38 -12.38
C GLY B 311 18.92 33.37 -11.26
N GLU B 312 19.64 33.57 -10.15
CA GLU B 312 19.59 32.60 -9.06
C GLU B 312 18.20 32.42 -8.46
N ALA B 313 17.34 33.42 -8.64
CA ALA B 313 16.00 33.33 -8.08
C ALA B 313 15.15 32.28 -8.78
N GLY B 314 15.44 32.01 -10.04
CA GLY B 314 14.66 31.03 -10.79
C GLY B 314 15.07 29.62 -10.41
N ILE B 315 14.27 28.98 -9.54
CA ILE B 315 14.61 27.65 -9.06
C ILE B 315 14.16 26.43 -9.85
N GLY B 316 13.14 26.56 -10.68
CA GLY B 316 12.70 25.40 -11.43
C GLY B 316 11.38 25.46 -12.19
N VAL B 317 11.03 24.32 -12.80
CA VAL B 317 9.80 24.22 -13.58
C VAL B 317 9.08 22.90 -13.36
N PHE B 318 7.76 22.95 -13.23
CA PHE B 318 6.97 21.72 -13.07
C PHE B 318 6.05 21.55 -14.28
N TYR B 319 6.18 20.41 -14.94
CA TYR B 319 5.33 20.11 -16.09
C TYR B 319 4.02 19.59 -15.51
N TRP B 320 2.88 20.13 -15.93
CA TRP B 320 1.63 19.67 -15.36
C TRP B 320 0.98 18.48 -16.06
N GLU B 321 0.81 17.39 -15.33
CA GLU B 321 0.18 16.17 -15.86
C GLU B 321 0.81 15.66 -17.16
N PRO B 322 2.01 15.09 -17.08
CA PRO B 322 2.72 14.56 -18.25
C PRO B 322 2.31 13.13 -18.55
N ALA B 323 1.30 12.63 -17.83
CA ALA B 323 0.86 11.26 -18.03
C ALA B 323 -0.63 11.02 -17.77
N TRP B 324 -1.48 11.99 -18.09
CA TRP B 324 -2.92 11.82 -17.90
C TRP B 324 -3.49 11.30 -19.22
N ILE B 325 -2.98 10.14 -19.62
CA ILE B 325 -3.40 9.49 -20.86
C ILE B 325 -4.77 8.82 -20.74
N PRO B 326 -5.38 8.50 -21.89
CA PRO B 326 -6.70 7.87 -21.96
C PRO B 326 -6.83 6.51 -21.31
N VAL B 327 -8.02 6.20 -20.81
CA VAL B 327 -8.29 4.91 -20.19
C VAL B 327 -8.65 3.96 -21.32
N GLY B 328 -8.95 4.53 -22.48
CA GLY B 328 -9.32 3.74 -23.64
C GLY B 328 -9.45 4.59 -24.88
N PRO B 329 -9.46 3.97 -26.08
CA PRO B 329 -9.59 4.68 -27.36
C PRO B 329 -10.81 5.60 -27.41
N ALA B 330 -10.72 6.64 -28.24
CA ALA B 330 -11.80 7.60 -28.38
C ALA B 330 -13.10 6.97 -28.87
N HIS B 331 -12.99 5.96 -29.74
CA HIS B 331 -14.20 5.32 -30.25
C HIS B 331 -14.91 4.53 -29.17
N ARG B 332 -14.26 4.40 -28.01
CA ARG B 332 -14.82 3.67 -26.89
C ARG B 332 -15.29 4.65 -25.80
N LEU B 333 -15.83 5.78 -26.26
CA LEU B 333 -16.30 6.84 -25.38
C LEU B 333 -17.24 6.37 -24.27
N GLU B 334 -18.30 5.65 -24.63
CA GLU B 334 -19.25 5.17 -23.64
C GLU B 334 -18.64 4.20 -22.64
N LYS B 335 -17.80 3.30 -23.13
CA LYS B 335 -17.17 2.34 -22.25
C LYS B 335 -16.20 3.09 -21.35
N ASN B 336 -15.67 4.21 -21.85
CA ASN B 336 -14.74 5.06 -21.10
C ASN B 336 -15.45 5.83 -20.00
N LYS B 337 -16.58 6.43 -20.35
CA LYS B 337 -17.36 7.20 -19.38
C LYS B 337 -17.55 6.36 -18.12
N ALA B 338 -17.65 5.05 -18.30
CA ALA B 338 -17.83 4.15 -17.18
C ALA B 338 -16.64 4.23 -16.24
N LEU B 339 -15.44 4.05 -16.79
CA LEU B 339 -14.22 4.10 -16.00
C LEU B 339 -14.02 5.46 -15.32
N TRP B 340 -14.26 6.54 -16.06
CA TRP B 340 -14.09 7.87 -15.50
C TRP B 340 -14.98 8.04 -14.29
N GLU B 341 -16.23 7.61 -14.45
CA GLU B 341 -17.23 7.74 -13.41
C GLU B 341 -16.93 6.88 -12.18
N THR B 342 -16.42 5.68 -12.41
CA THR B 342 -16.11 4.75 -11.33
C THR B 342 -14.83 5.07 -10.59
N TYR B 343 -13.75 5.29 -11.32
CA TYR B 343 -12.47 5.55 -10.70
C TYR B 343 -12.02 7.01 -10.66
N GLY B 344 -12.89 7.91 -11.11
CA GLY B 344 -12.55 9.33 -11.12
C GLY B 344 -11.26 9.58 -11.87
N SER B 345 -11.04 8.83 -12.94
CA SER B 345 -9.83 8.98 -13.73
C SER B 345 -9.95 10.01 -14.85
N GLY B 346 -11.06 10.74 -14.86
CA GLY B 346 -11.26 11.78 -15.85
C GLY B 346 -11.00 13.08 -15.08
N TRP B 347 -11.24 14.23 -15.70
CA TRP B 347 -11.00 15.49 -14.98
C TRP B 347 -12.09 15.75 -13.94
N ALA B 348 -13.22 15.08 -14.08
CA ALA B 348 -14.32 15.25 -13.14
C ALA B 348 -15.42 14.21 -13.40
N THR B 349 -16.21 13.91 -12.38
CA THR B 349 -17.29 12.94 -12.52
C THR B 349 -18.60 13.66 -12.29
N SER B 350 -19.69 13.09 -12.78
CA SER B 350 -21.00 13.69 -12.60
C SER B 350 -21.24 14.00 -11.12
N TYR B 351 -20.66 13.16 -10.26
CA TYR B 351 -20.80 13.30 -8.83
C TYR B 351 -20.34 14.64 -8.28
N ALA B 352 -19.57 15.38 -9.07
CA ALA B 352 -19.07 16.67 -8.61
C ALA B 352 -20.07 17.80 -8.85
N ALA B 353 -21.14 17.51 -9.57
CA ALA B 353 -22.15 18.51 -9.89
C ALA B 353 -22.66 19.26 -8.66
N GLU B 354 -22.77 18.54 -7.55
CA GLU B 354 -23.26 19.12 -6.31
C GLU B 354 -22.33 20.22 -5.81
N TYR B 355 -21.03 19.98 -5.90
CA TYR B 355 -20.04 20.94 -5.42
C TYR B 355 -19.74 22.06 -6.42
N ASP B 356 -19.77 21.73 -7.71
CA ASP B 356 -19.51 22.71 -8.76
C ASP B 356 -20.45 22.45 -9.93
N PRO B 357 -21.71 22.88 -9.79
CA PRO B 357 -22.74 22.70 -10.82
C PRO B 357 -22.46 23.51 -12.08
N GLU B 358 -21.86 24.67 -11.91
CA GLU B 358 -21.56 25.55 -13.03
C GLU B 358 -20.57 25.00 -14.06
N ASP B 359 -19.44 24.49 -13.59
CA ASP B 359 -18.42 23.98 -14.50
C ASP B 359 -18.41 22.45 -14.63
N ALA B 360 -17.91 21.77 -13.61
CA ALA B 360 -17.87 20.32 -13.63
C ALA B 360 -19.25 19.77 -13.94
N GLY B 361 -20.25 20.40 -13.36
CA GLY B 361 -21.62 19.96 -13.55
C GLY B 361 -22.01 19.67 -14.98
N LYS B 362 -21.53 20.48 -15.92
CA LYS B 362 -21.88 20.27 -17.32
C LYS B 362 -20.72 20.03 -18.27
N TRP B 363 -19.61 19.52 -17.74
CA TRP B 363 -18.45 19.22 -18.57
C TRP B 363 -17.73 17.99 -18.09
N PHE B 364 -18.24 17.36 -17.02
CA PHE B 364 -17.57 16.18 -16.49
C PHE B 364 -17.28 15.13 -17.55
N GLY B 365 -16.22 14.36 -17.34
CA GLY B 365 -15.85 13.34 -18.30
C GLY B 365 -14.44 12.80 -18.11
N GLY B 366 -13.71 12.64 -19.21
CA GLY B 366 -12.36 12.11 -19.12
C GLY B 366 -11.23 13.12 -19.10
N SER B 367 -10.11 12.74 -19.72
CA SER B 367 -8.93 13.60 -19.77
C SER B 367 -9.07 14.70 -20.82
N ALA B 368 -8.68 15.90 -20.43
CA ALA B 368 -8.76 17.04 -21.33
C ALA B 368 -7.36 17.44 -21.74
N VAL B 369 -6.39 16.63 -21.36
CA VAL B 369 -4.99 16.94 -21.68
C VAL B 369 -4.13 15.74 -22.09
N ASP B 370 -4.77 14.66 -22.54
CA ASP B 370 -4.00 13.48 -22.97
C ASP B 370 -3.06 13.81 -24.12
N ASN B 371 -3.40 14.82 -24.92
CA ASN B 371 -2.55 15.19 -26.04
C ASN B 371 -1.37 16.07 -25.61
N GLN B 372 -1.23 16.26 -24.30
CA GLN B 372 -0.15 17.07 -23.76
C GLN B 372 0.75 16.25 -22.85
N ALA B 373 0.63 14.94 -22.91
CA ALA B 373 1.45 14.09 -22.06
C ALA B 373 2.82 13.89 -22.69
N LEU B 374 3.72 13.29 -21.93
CA LEU B 374 5.06 13.00 -22.43
C LEU B 374 5.09 11.49 -22.67
N PHE B 375 3.90 10.91 -22.71
CA PHE B 375 3.73 9.49 -22.98
C PHE B 375 2.62 9.40 -24.04
N ASP B 376 2.67 8.40 -24.91
CA ASP B 376 1.64 8.27 -25.93
C ASP B 376 0.37 7.72 -25.31
N PHE B 377 -0.70 7.64 -26.10
CA PHE B 377 -1.96 7.16 -25.58
C PHE B 377 -1.88 5.75 -25.00
N LYS B 378 -0.88 4.99 -25.40
CA LYS B 378 -0.74 3.62 -24.92
C LYS B 378 0.22 3.44 -23.75
N GLY B 379 0.70 4.54 -23.19
CA GLY B 379 1.60 4.47 -22.05
C GLY B 379 3.09 4.43 -22.32
N ARG B 380 3.49 4.55 -23.58
CA ARG B 380 4.92 4.55 -23.92
C ARG B 380 5.46 5.97 -23.82
N PRO B 381 6.69 6.13 -23.33
CA PRO B 381 7.24 7.48 -23.21
C PRO B 381 7.62 8.06 -24.57
N LEU B 382 7.23 9.31 -24.80
CA LEU B 382 7.55 9.99 -26.05
C LEU B 382 8.99 10.47 -25.93
N PRO B 383 9.69 10.63 -27.07
CA PRO B 383 11.07 11.10 -26.98
C PRO B 383 11.23 12.43 -26.28
N SER B 384 10.17 13.23 -26.29
CA SER B 384 10.21 14.54 -25.65
C SER B 384 10.46 14.43 -24.15
N LEU B 385 10.20 13.26 -23.58
CA LEU B 385 10.42 13.06 -22.16
C LEU B 385 11.89 13.31 -21.84
N HIS B 386 12.74 13.15 -22.85
CA HIS B 386 14.18 13.34 -22.75
C HIS B 386 14.60 14.79 -22.47
N VAL B 387 13.68 15.73 -22.67
CA VAL B 387 14.02 17.14 -22.50
C VAL B 387 14.65 17.46 -21.15
N PHE B 388 14.12 16.87 -20.07
CA PHE B 388 14.64 17.11 -18.73
C PHE B 388 16.13 16.87 -18.59
N GLN B 389 16.64 15.91 -19.35
CA GLN B 389 18.04 15.57 -19.32
C GLN B 389 18.84 16.50 -20.20
N TYR B 390 18.41 16.55 -21.47
CA TYR B 390 19.07 17.33 -22.49
C TYR B 390 19.22 18.83 -22.26
N VAL B 391 18.37 19.45 -21.45
CA VAL B 391 18.54 20.88 -21.26
C VAL B 391 19.91 21.19 -20.65
N ASP B 392 20.48 20.23 -19.93
CA ASP B 392 21.80 20.43 -19.31
C ASP B 392 22.92 20.38 -20.33
N THR B 393 22.85 19.43 -21.24
CA THR B 393 23.89 19.27 -22.25
C THR B 393 23.48 19.63 -23.68
N GLY B 394 22.23 19.32 -24.01
CA GLY B 394 21.75 19.58 -25.34
C GLY B 394 21.83 18.22 -26.03
N THR B 395 21.18 18.10 -27.18
CA THR B 395 21.19 16.82 -27.86
C THR B 395 22.59 16.33 -28.18
N PRO B 396 22.94 15.13 -27.63
CA PRO B 396 24.14 14.28 -27.64
C PRO B 396 24.54 13.59 -28.94
N PHE B 397 25.78 13.10 -29.01
CA PHE B 397 26.27 12.43 -30.21
C PHE B 397 26.67 10.97 -29.95
N LYS B 398 27.45 10.74 -29.00
C1 GAL C . -6.97 -25.73 14.36
C2 GAL C . -7.21 -26.99 15.21
C3 GAL C . -7.86 -28.06 14.31
C4 GAL C . -9.19 -27.54 13.77
C5 GAL C . -8.94 -26.24 12.97
C6 GAL C . -10.22 -25.61 12.44
O1 GAL C . -6.39 -24.74 15.14
O2 GAL C . -5.96 -27.46 15.73
O3 GAL C . -8.12 -29.25 15.07
O4 GAL C . -10.11 -27.29 14.88
O5 GAL C . -8.24 -25.26 13.82
O6 GAL C . -10.07 -24.18 12.41
C1 GAL C . -11.15 -28.26 14.98
C2 GAL C . -11.40 -28.59 16.45
C3 GAL C . -12.53 -29.60 16.52
C4 GAL C . -13.80 -29.00 15.93
C5 GAL C . -13.52 -28.62 14.44
C6 GAL C . -14.74 -27.98 13.73
O2 GAL C . -10.19 -29.16 16.98
O3 GAL C . -12.78 -29.93 17.90
O4 GAL C . -14.16 -27.82 16.71
O5 GAL C . -12.37 -27.70 14.38
O6 GAL C . -14.91 -26.65 14.19
C1 GAL C . -15.51 -27.79 17.19
C2 GAL C . -15.55 -27.24 18.64
C3 GAL C . -17.02 -27.21 19.08
C4 GAL C . -17.77 -26.27 18.13
C5 GAL C . -17.68 -26.78 16.69
C6 GAL C . -18.38 -25.84 15.69
O2 GAL C . -14.83 -28.13 19.51
O3 GAL C . -17.09 -26.69 20.41
O4 GAL C . -17.14 -24.97 18.18
O5 GAL C . -16.26 -26.91 16.32
O6 GAL C . -18.02 -26.20 14.34
C1 GAL D . -5.58 -27.77 25.79
C2 GAL D . -5.52 -26.23 25.83
C3 GAL D . -6.74 -25.69 25.07
C4 GAL D . -6.68 -26.17 23.62
C5 GAL D . -6.68 -27.73 23.58
C6 GAL D . -6.56 -28.28 22.16
O1 GAL D . -4.47 -28.29 26.48
O2 GAL D . -5.57 -25.79 27.21
O3 GAL D . -6.73 -24.25 25.07
O4 GAL D . -5.45 -25.67 22.99
O5 GAL D . -5.55 -28.22 24.39
O6 GAL D . -6.93 -29.66 22.16
C1 GAL D . -5.67 -24.71 21.97
C2 GAL D . -4.35 -24.01 21.68
C3 GAL D . -4.61 -23.01 20.54
C4 GAL D . -5.08 -23.78 19.30
C5 GAL D . -6.38 -24.53 19.64
C6 GAL D . -6.87 -25.35 18.46
O2 GAL D . -3.92 -23.30 22.85
O3 GAL D . -3.39 -22.32 20.22
O4 GAL D . -4.08 -24.74 18.94
O5 GAL D . -6.13 -25.42 20.78
O6 GAL D . -7.46 -24.46 17.50
C1 GAL E . -7.47 22.68 -14.74
C2 GAL E . -8.77 23.49 -14.53
C3 GAL E . -9.89 22.49 -14.18
C4 GAL E . -10.08 21.52 -15.34
C5 GAL E . -8.74 20.77 -15.61
C6 GAL E . -8.83 19.81 -16.80
O1 GAL E . -6.42 23.54 -15.07
O2 GAL E . -8.57 24.41 -13.44
O3 GAL E . -11.12 23.20 -13.98
O4 GAL E . -10.49 22.23 -16.55
O5 GAL E . -7.66 21.73 -15.84
O6 GAL E . -7.55 19.76 -17.43
C1 GAL E . -11.87 22.04 -16.87
C2 GAL E . -12.47 23.38 -17.31
C3 GAL E . -13.93 23.13 -17.69
C4 GAL E . -14.01 22.12 -18.85
C5 GAL E . -13.34 20.80 -18.38
C6 GAL E . -13.35 19.71 -19.47
O2 GAL E . -12.39 24.31 -16.21
O3 GAL E . -14.53 24.37 -18.12
O4 GAL E . -13.30 22.67 -20.00
O5 GAL E . -11.95 21.06 -17.96
O6 GAL E . -12.37 19.99 -20.46
C1 GAL E . -14.05 22.69 -21.22
C2 GAL E . -13.81 24.02 -21.98
C3 GAL E . -14.61 23.96 -23.28
C4 GAL E . -14.09 22.78 -24.11
C5 GAL E . -14.27 21.46 -23.32
C6 GAL E . -13.73 20.24 -24.07
O2 GAL E . -14.29 25.11 -21.19
O3 GAL E . -14.41 25.17 -24.03
O4 GAL E . -12.68 22.96 -24.36
O5 GAL E . -13.59 21.58 -22.02
O6 GAL E . -13.64 19.13 -23.17
C1 GAL F . -9.69 34.59 -16.02
C2 GAL F . -8.45 34.42 -16.90
C3 GAL F . -8.71 33.29 -17.89
C4 GAL F . -8.97 32.00 -17.12
C5 GAL F . -10.20 32.19 -16.19
C6 GAL F . -10.50 30.95 -15.34
O1 GAL F . -9.49 35.61 -15.10
O2 GAL F . -8.22 35.65 -17.62
O3 GAL F . -7.56 33.10 -18.73
O4 GAL F . -7.80 31.66 -16.31
O5 GAL F . -9.96 33.34 -15.30
O6 GAL F . -11.82 31.06 -14.80
C1 GAL F . -7.12 30.48 -16.73
C2 GAL F . -5.74 30.46 -16.06
C3 GAL F . -5.05 29.17 -16.50
C4 GAL F . -5.88 27.98 -16.02
C5 GAL F . -7.29 28.06 -16.65
C6 GAL F . -8.18 26.91 -16.18
O2 GAL F . -4.99 31.59 -16.52
O3 GAL F . -3.75 29.10 -15.90
O4 GAL F . -6.00 28.05 -14.59
O5 GAL F . -7.91 29.33 -16.29
O6 GAL F . -7.79 25.73 -16.87
CA CA G . -18.13 -21.55 9.23
CA CA H . -9.29 13.76 -24.24
#